data_2N3S
#
_entry.id   2N3S
#
_entity_poly.entity_id   1
_entity_poly.type   'polypeptide(L)'
_entity_poly.pdbx_seq_one_letter_code
;MAKDDVIQMQGEVIENLPNATFRVKLENGHVVLGHISGKMRMHYIRILPGDKVTVELTPYDLSRARIVFRAK
;
_entity_poly.pdbx_strand_id   A
#
# COMPACT_ATOMS: atom_id res chain seq x y z
N MET A 1 15.85 15.55 8.53
CA MET A 1 15.59 16.06 7.19
C MET A 1 14.12 16.45 7.04
N ALA A 2 13.88 17.61 6.43
CA ALA A 2 12.52 18.09 6.21
C ALA A 2 11.96 17.56 4.90
N LYS A 3 10.63 17.48 4.82
CA LYS A 3 9.97 17.00 3.63
C LYS A 3 8.45 17.07 3.77
N ASP A 4 7.74 16.59 2.77
CA ASP A 4 6.28 16.60 2.79
C ASP A 4 5.75 15.78 3.97
N ASP A 5 4.43 15.59 4.00
CA ASP A 5 3.80 14.84 5.07
C ASP A 5 3.60 13.38 4.67
N VAL A 6 4.43 12.90 3.75
CA VAL A 6 4.33 11.53 3.28
C VAL A 6 5.21 10.60 4.12
N ILE A 7 4.63 9.48 4.54
CA ILE A 7 5.36 8.51 5.34
C ILE A 7 5.08 7.09 4.87
N GLN A 8 6.15 6.34 4.62
CA GLN A 8 6.02 4.96 4.16
C GLN A 8 5.84 4.01 5.34
N MET A 9 4.74 3.27 5.34
CA MET A 9 4.45 2.32 6.41
C MET A 9 4.56 0.89 5.91
N GLN A 10 4.87 -0.03 6.82
CA GLN A 10 5.00 -1.45 6.47
C GLN A 10 3.79 -2.24 6.94
N GLY A 11 2.98 -2.70 6.00
CA GLY A 11 1.80 -3.47 6.34
C GLY A 11 1.63 -4.69 5.46
N GLU A 12 0.59 -5.48 5.74
CA GLU A 12 0.32 -6.69 4.97
C GLU A 12 -1.07 -6.64 4.36
N VAL A 13 -1.19 -7.09 3.11
CA VAL A 13 -2.47 -7.10 2.42
C VAL A 13 -3.51 -7.92 3.18
N ILE A 14 -4.73 -7.40 3.23
CA ILE A 14 -5.81 -8.08 3.93
C ILE A 14 -6.94 -8.46 2.97
N GLU A 15 -7.10 -7.65 1.93
CA GLU A 15 -8.16 -7.89 0.94
C GLU A 15 -7.71 -7.43 -0.45
N ASN A 16 -8.33 -7.99 -1.48
CA ASN A 16 -8.00 -7.63 -2.85
C ASN A 16 -9.26 -7.22 -3.62
N LEU A 17 -9.20 -6.04 -4.23
CA LEU A 17 -10.33 -5.53 -5.01
C LEU A 17 -9.88 -5.07 -6.39
N PRO A 18 -10.85 -4.97 -7.32
CA PRO A 18 -10.57 -4.53 -8.70
C PRO A 18 -10.20 -3.05 -8.77
N ASN A 19 -10.12 -2.52 -9.99
CA ASN A 19 -9.78 -1.12 -10.20
C ASN A 19 -8.36 -0.84 -9.70
N ALA A 20 -7.48 -1.83 -9.83
CA ALA A 20 -6.10 -1.68 -9.39
C ALA A 20 -6.02 -1.20 -7.94
N THR A 21 -7.02 -1.56 -7.15
CA THR A 21 -7.08 -1.15 -5.75
C THR A 21 -6.73 -2.32 -4.84
N PHE A 22 -6.20 -2.01 -3.66
CA PHE A 22 -5.82 -3.02 -2.69
C PHE A 22 -5.84 -2.46 -1.27
N ARG A 23 -6.06 -3.34 -0.30
CA ARG A 23 -6.10 -2.94 1.10
C ARG A 23 -4.99 -3.61 1.89
N VAL A 24 -4.30 -2.82 2.73
CA VAL A 24 -3.21 -3.34 3.54
C VAL A 24 -3.31 -2.83 4.98
N LYS A 25 -3.04 -3.71 5.93
CA LYS A 25 -3.09 -3.34 7.34
C LYS A 25 -1.69 -3.02 7.87
N LEU A 26 -1.58 -1.88 8.55
CA LEU A 26 -0.30 -1.46 9.12
C LEU A 26 0.04 -2.25 10.38
N GLU A 27 0.74 -1.62 11.30
CA GLU A 27 1.12 -2.26 12.55
C GLU A 27 0.06 -2.06 13.62
N ASN A 28 -0.71 -0.99 13.47
CA ASN A 28 -1.78 -0.68 14.41
C ASN A 28 -3.00 -1.55 14.17
N GLY A 29 -3.06 -2.15 12.99
CA GLY A 29 -4.19 -3.01 12.64
C GLY A 29 -5.12 -2.36 11.65
N HIS A 30 -5.03 -1.04 11.53
CA HIS A 30 -5.87 -0.30 10.60
C HIS A 30 -5.52 -0.63 9.16
N VAL A 31 -6.54 -0.80 8.32
CA VAL A 31 -6.34 -1.13 6.91
C VAL A 31 -6.51 0.11 6.04
N VAL A 32 -5.55 0.32 5.14
CA VAL A 32 -5.60 1.46 4.23
C VAL A 32 -5.88 1.03 2.80
N LEU A 33 -6.68 1.81 2.09
CA LEU A 33 -7.03 1.50 0.71
C LEU A 33 -6.28 2.40 -0.25
N GLY A 34 -5.70 1.81 -1.30
CA GLY A 34 -4.96 2.58 -2.27
C GLY A 34 -4.85 1.88 -3.61
N HIS A 35 -4.09 2.46 -4.53
CA HIS A 35 -3.92 1.88 -5.86
C HIS A 35 -2.44 1.60 -6.13
N ILE A 36 -2.18 0.53 -6.88
CA ILE A 36 -0.81 0.15 -7.20
C ILE A 36 -0.51 0.43 -8.67
N SER A 37 0.61 1.10 -8.92
CA SER A 37 1.02 1.43 -10.28
C SER A 37 2.54 1.57 -10.37
N GLY A 38 3.06 1.51 -11.60
CA GLY A 38 4.49 1.62 -11.80
C GLY A 38 4.99 0.68 -12.87
N LYS A 39 6.31 0.46 -12.89
CA LYS A 39 6.92 -0.43 -13.87
C LYS A 39 6.74 -1.89 -13.47
N MET A 40 7.37 -2.28 -12.37
CA MET A 40 7.27 -3.65 -11.88
C MET A 40 5.81 -4.06 -11.66
N ARG A 41 4.95 -3.06 -11.53
CA ARG A 41 3.53 -3.30 -11.31
C ARG A 41 2.83 -3.67 -12.62
N MET A 42 3.40 -3.22 -13.73
CA MET A 42 2.84 -3.50 -15.05
C MET A 42 3.39 -4.82 -15.60
N HIS A 43 4.11 -5.56 -14.76
CA HIS A 43 4.69 -6.83 -15.18
C HIS A 43 3.80 -7.99 -14.75
N TYR A 44 2.51 -7.72 -14.60
CA TYR A 44 1.55 -8.74 -14.19
C TYR A 44 2.02 -9.46 -12.94
N ILE A 45 2.28 -8.70 -11.89
CA ILE A 45 2.73 -9.26 -10.62
C ILE A 45 1.62 -10.06 -9.94
N ARG A 46 2.00 -10.93 -9.02
CA ARG A 46 1.04 -11.75 -8.29
C ARG A 46 0.77 -11.19 -6.91
N ILE A 47 -0.48 -10.79 -6.66
CA ILE A 47 -0.87 -10.23 -5.37
C ILE A 47 -1.83 -11.15 -4.64
N LEU A 48 -1.63 -11.30 -3.34
CA LEU A 48 -2.49 -12.14 -2.52
C LEU A 48 -2.54 -11.64 -1.08
N PRO A 49 -3.59 -12.04 -0.35
CA PRO A 49 -3.78 -11.65 1.04
C PRO A 49 -2.76 -12.29 1.98
N GLY A 50 -1.95 -11.47 2.62
CA GLY A 50 -0.94 -11.98 3.54
C GLY A 50 0.46 -11.62 3.09
N ASP A 51 0.57 -10.75 2.09
CA ASP A 51 1.87 -10.33 1.59
C ASP A 51 2.29 -8.99 2.19
N LYS A 52 3.56 -8.90 2.57
CA LYS A 52 4.08 -7.67 3.16
C LYS A 52 4.38 -6.63 2.09
N VAL A 53 3.74 -5.47 2.21
CA VAL A 53 3.94 -4.40 1.24
C VAL A 53 4.00 -3.04 1.94
N THR A 54 4.58 -2.05 1.25
CA THR A 54 4.72 -0.72 1.81
C THR A 54 3.64 0.21 1.26
N VAL A 55 3.18 1.14 2.10
CA VAL A 55 2.15 2.09 1.69
C VAL A 55 2.44 3.48 2.23
N GLU A 56 2.27 4.49 1.38
CA GLU A 56 2.52 5.87 1.78
C GLU A 56 1.21 6.59 2.07
N LEU A 57 1.03 6.99 3.33
CA LEU A 57 -0.18 7.69 3.75
C LEU A 57 -0.14 9.15 3.31
N THR A 58 -1.29 9.67 2.89
CA THR A 58 -1.38 11.05 2.45
C THR A 58 -2.03 11.93 3.51
N PRO A 59 -1.79 13.25 3.43
CA PRO A 59 -2.35 14.22 4.37
C PRO A 59 -3.85 14.38 4.22
N TYR A 60 -4.38 13.94 3.08
CA TYR A 60 -5.81 14.04 2.81
C TYR A 60 -6.62 13.35 3.90
N ASP A 61 -6.16 12.17 4.30
CA ASP A 61 -6.84 11.40 5.34
C ASP A 61 -6.11 10.09 5.62
N LEU A 62 -6.54 9.39 6.66
CA LEU A 62 -5.92 8.12 7.03
C LEU A 62 -6.71 6.95 6.46
N SER A 63 -7.58 7.23 5.50
CA SER A 63 -8.40 6.20 4.87
C SER A 63 -8.11 6.11 3.37
N ARG A 64 -6.94 6.61 2.97
CA ARG A 64 -6.55 6.59 1.57
C ARG A 64 -5.05 6.83 1.42
N ALA A 65 -4.34 5.82 0.93
CA ALA A 65 -2.90 5.91 0.74
C ALA A 65 -2.48 5.35 -0.62
N ARG A 66 -1.20 5.45 -0.93
CA ARG A 66 -0.68 4.95 -2.19
C ARG A 66 0.01 3.60 -2.00
N ILE A 67 -0.33 2.66 -2.86
CA ILE A 67 0.27 1.32 -2.79
C ILE A 67 1.69 1.32 -3.32
N VAL A 68 2.63 0.88 -2.47
CA VAL A 68 4.04 0.82 -2.86
C VAL A 68 4.51 -0.62 -3.00
N PHE A 69 5.64 -0.80 -3.68
CA PHE A 69 6.20 -2.13 -3.88
C PHE A 69 6.27 -2.90 -2.56
N ARG A 70 6.47 -4.21 -2.67
CA ARG A 70 6.56 -5.06 -1.48
C ARG A 70 7.53 -4.49 -0.46
N ALA A 71 7.39 -4.90 0.79
CA ALA A 71 8.27 -4.43 1.86
C ALA A 71 9.64 -5.07 1.77
N LYS A 72 10.67 -4.26 1.61
CA LYS A 72 12.04 -4.76 1.51
C LYS A 72 12.49 -5.38 2.84
N MET A 1 10.79 22.58 -5.43
CA MET A 1 10.21 23.65 -4.64
C MET A 1 8.94 23.20 -3.95
N ALA A 2 8.90 21.91 -3.59
CA ALA A 2 7.73 21.34 -2.93
C ALA A 2 8.13 20.65 -1.62
N LYS A 3 7.15 20.05 -0.95
CA LYS A 3 7.40 19.35 0.30
C LYS A 3 6.59 18.06 0.37
N ASP A 4 6.87 17.24 1.39
CA ASP A 4 6.16 15.98 1.57
C ASP A 4 6.52 15.35 2.91
N ASP A 5 5.71 14.38 3.33
CA ASP A 5 5.95 13.70 4.60
C ASP A 5 5.10 12.43 4.69
N VAL A 6 5.62 11.34 4.13
CA VAL A 6 4.91 10.06 4.15
C VAL A 6 5.77 8.97 4.77
N ILE A 7 5.19 8.22 5.69
CA ILE A 7 5.90 7.14 6.36
C ILE A 7 5.55 5.78 5.75
N GLN A 8 6.56 4.97 5.51
CA GLN A 8 6.36 3.64 4.94
C GLN A 8 6.05 2.62 6.01
N MET A 9 4.85 2.05 5.96
CA MET A 9 4.42 1.05 6.93
C MET A 9 4.36 -0.33 6.30
N GLN A 10 4.50 -1.37 7.12
CA GLN A 10 4.46 -2.74 6.65
C GLN A 10 3.14 -3.42 7.02
N GLY A 11 2.31 -3.68 6.02
CA GLY A 11 1.04 -4.32 6.27
C GLY A 11 0.80 -5.52 5.38
N GLU A 12 -0.28 -6.23 5.62
CA GLU A 12 -0.62 -7.42 4.83
C GLU A 12 -1.90 -7.20 4.04
N VAL A 13 -1.90 -7.65 2.79
CA VAL A 13 -3.06 -7.51 1.91
C VAL A 13 -4.21 -8.40 2.38
N ILE A 14 -5.33 -7.78 2.72
CA ILE A 14 -6.51 -8.52 3.17
C ILE A 14 -7.65 -8.41 2.17
N GLU A 15 -7.70 -7.28 1.45
CA GLU A 15 -8.75 -7.06 0.46
C GLU A 15 -8.14 -6.60 -0.86
N ASN A 16 -8.79 -6.97 -1.96
CA ASN A 16 -8.32 -6.59 -3.29
C ASN A 16 -9.44 -5.97 -4.10
N LEU A 17 -9.29 -4.70 -4.44
CA LEU A 17 -10.29 -3.98 -5.22
C LEU A 17 -9.77 -3.69 -6.63
N PRO A 18 -10.71 -3.44 -7.56
CA PRO A 18 -10.38 -3.15 -8.96
C PRO A 18 -9.71 -1.79 -9.12
N ASN A 19 -9.54 -1.36 -10.36
CA ASN A 19 -8.92 -0.07 -10.65
C ASN A 19 -7.47 -0.04 -10.16
N ALA A 20 -6.88 -1.22 -10.02
CA ALA A 20 -5.50 -1.34 -9.56
C ALA A 20 -5.35 -0.79 -8.15
N THR A 21 -6.07 -1.40 -7.21
CA THR A 21 -6.01 -0.98 -5.81
C THR A 21 -6.06 -2.18 -4.87
N PHE A 22 -5.63 -1.98 -3.63
CA PHE A 22 -5.64 -3.04 -2.63
C PHE A 22 -5.72 -2.47 -1.22
N ARG A 23 -6.23 -3.27 -0.29
CA ARG A 23 -6.37 -2.84 1.09
C ARG A 23 -5.50 -3.69 2.01
N VAL A 24 -4.44 -3.08 2.54
CA VAL A 24 -3.53 -3.77 3.43
C VAL A 24 -3.75 -3.36 4.88
N LYS A 25 -3.54 -4.30 5.79
CA LYS A 25 -3.71 -4.03 7.22
C LYS A 25 -2.37 -3.77 7.90
N LEU A 26 -2.29 -2.67 8.64
CA LEU A 26 -1.06 -2.32 9.34
C LEU A 26 -0.89 -3.16 10.60
N GLU A 27 -0.24 -2.59 11.62
CA GLU A 27 -0.02 -3.28 12.87
C GLU A 27 -1.14 -3.00 13.86
N ASN A 28 -1.63 -1.77 13.87
CA ASN A 28 -2.71 -1.37 14.77
C ASN A 28 -4.01 -2.08 14.40
N GLY A 29 -4.06 -2.63 13.19
CA GLY A 29 -5.25 -3.32 12.74
C GLY A 29 -6.01 -2.55 11.68
N HIS A 30 -5.70 -1.25 11.55
CA HIS A 30 -6.36 -0.40 10.58
C HIS A 30 -5.95 -0.78 9.16
N VAL A 31 -6.92 -0.81 8.26
CA VAL A 31 -6.66 -1.15 6.86
C VAL A 31 -6.57 0.09 5.99
N VAL A 32 -5.52 0.16 5.17
CA VAL A 32 -5.33 1.31 4.28
C VAL A 32 -5.54 0.91 2.83
N LEU A 33 -6.25 1.77 2.09
CA LEU A 33 -6.52 1.51 0.68
C LEU A 33 -5.64 2.38 -0.21
N GLY A 34 -5.08 1.77 -1.25
CA GLY A 34 -4.23 2.50 -2.17
C GLY A 34 -4.10 1.82 -3.51
N HIS A 35 -3.24 2.36 -4.38
CA HIS A 35 -3.03 1.79 -5.71
C HIS A 35 -1.56 1.50 -5.94
N ILE A 36 -1.28 0.44 -6.71
CA ILE A 36 0.09 0.06 -7.01
C ILE A 36 0.51 0.56 -8.39
N SER A 37 1.70 1.15 -8.46
CA SER A 37 2.21 1.68 -9.71
C SER A 37 3.74 1.66 -9.73
N GLY A 38 4.33 1.83 -10.90
CA GLY A 38 5.77 1.83 -11.03
C GLY A 38 6.25 0.95 -12.17
N LYS A 39 7.55 0.64 -12.16
CA LYS A 39 8.14 -0.20 -13.20
C LYS A 39 7.87 -1.68 -12.92
N MET A 40 7.65 -2.00 -11.64
CA MET A 40 7.38 -3.38 -11.25
C MET A 40 5.90 -3.71 -11.42
N ARG A 41 5.07 -2.67 -11.47
CA ARG A 41 3.64 -2.86 -11.63
C ARG A 41 3.27 -3.12 -13.09
N MET A 42 4.20 -2.79 -13.99
CA MET A 42 3.98 -2.99 -15.42
C MET A 42 4.21 -4.44 -15.81
N HIS A 43 4.95 -5.16 -14.97
CA HIS A 43 5.25 -6.56 -15.23
C HIS A 43 4.14 -7.46 -14.72
N TYR A 44 3.16 -6.86 -14.04
CA TYR A 44 2.05 -7.61 -13.50
C TYR A 44 2.51 -8.62 -12.45
N ILE A 45 3.04 -8.11 -11.34
CA ILE A 45 3.52 -8.97 -10.27
C ILE A 45 2.41 -9.88 -9.75
N ARG A 46 2.81 -10.94 -9.05
CA ARG A 46 1.85 -11.89 -8.50
C ARG A 46 1.23 -11.35 -7.20
N ILE A 47 -0.04 -11.01 -7.26
CA ILE A 47 -0.75 -10.48 -6.09
C ILE A 47 -1.83 -11.45 -5.63
N LEU A 48 -1.93 -11.61 -4.31
CA LEU A 48 -2.93 -12.51 -3.73
C LEU A 48 -3.14 -12.22 -2.25
N PRO A 49 -4.28 -12.65 -1.71
CA PRO A 49 -4.62 -12.44 -0.30
C PRO A 49 -3.75 -13.27 0.64
N GLY A 50 -2.96 -12.60 1.47
CA GLY A 50 -2.09 -13.29 2.40
C GLY A 50 -0.63 -12.90 2.22
N ASP A 51 -0.39 -11.87 1.43
CA ASP A 51 0.97 -11.40 1.18
C ASP A 51 1.28 -10.16 2.02
N LYS A 52 2.57 -9.90 2.21
CA LYS A 52 3.00 -8.74 2.99
C LYS A 52 3.67 -7.70 2.10
N VAL A 53 3.17 -6.47 2.16
CA VAL A 53 3.72 -5.38 1.36
C VAL A 53 3.79 -4.09 2.17
N THR A 54 4.52 -3.11 1.64
CA THR A 54 4.67 -1.82 2.31
C THR A 54 3.71 -0.79 1.72
N VAL A 55 3.22 0.10 2.58
CA VAL A 55 2.30 1.15 2.13
C VAL A 55 2.62 2.48 2.82
N GLU A 56 2.60 3.56 2.04
CA GLU A 56 2.88 4.88 2.56
C GLU A 56 1.59 5.66 2.81
N LEU A 57 1.32 5.95 4.07
CA LEU A 57 0.10 6.69 4.44
C LEU A 57 0.46 8.05 5.03
N THR A 58 -0.48 8.98 4.98
CA THR A 58 -0.27 10.32 5.51
C THR A 58 -0.94 10.47 6.87
N PRO A 59 -0.48 11.47 7.64
CA PRO A 59 -1.02 11.76 8.97
C PRO A 59 -2.43 12.32 8.93
N TYR A 60 -2.63 13.32 8.08
CA TYR A 60 -3.93 13.96 7.93
C TYR A 60 -4.92 13.03 7.20
N ASP A 61 -4.43 12.39 6.14
CA ASP A 61 -5.25 11.47 5.37
C ASP A 61 -4.92 10.02 5.69
N LEU A 62 -5.56 9.48 6.72
CA LEU A 62 -5.32 8.11 7.13
C LEU A 62 -6.30 7.16 6.43
N SER A 63 -6.97 7.66 5.41
CA SER A 63 -7.93 6.85 4.66
C SER A 63 -7.52 6.75 3.19
N ARG A 64 -6.22 6.91 2.94
CA ARG A 64 -5.70 6.84 1.58
C ARG A 64 -4.18 6.81 1.58
N ALA A 65 -3.60 5.72 1.09
CA ALA A 65 -2.15 5.57 1.04
C ALA A 65 -1.71 5.02 -0.31
N ARG A 66 -0.40 5.00 -0.54
CA ARG A 66 0.15 4.51 -1.78
C ARG A 66 0.70 3.09 -1.62
N ILE A 67 0.35 2.22 -2.55
CA ILE A 67 0.80 0.83 -2.51
C ILE A 67 2.27 0.72 -2.92
N VAL A 68 3.06 0.06 -2.10
CA VAL A 68 4.48 -0.13 -2.38
C VAL A 68 4.83 -1.61 -2.56
N PHE A 69 5.98 -1.87 -3.17
CA PHE A 69 6.42 -3.24 -3.40
C PHE A 69 6.33 -4.06 -2.12
N ARG A 70 6.41 -5.39 -2.27
CA ARG A 70 6.34 -6.29 -1.12
C ARG A 70 7.31 -5.85 -0.03
N ALA A 71 7.07 -6.32 1.19
CA ALA A 71 7.93 -5.98 2.32
C ALA A 71 8.90 -7.11 2.62
N LYS A 72 9.74 -6.91 3.64
CA LYS A 72 10.72 -7.92 4.04
C LYS A 72 10.05 -9.05 4.82
N MET A 1 3.42 28.07 1.58
CA MET A 1 4.03 27.14 2.54
C MET A 1 3.89 25.70 2.06
N ALA A 2 4.80 24.85 2.51
CA ALA A 2 4.77 23.43 2.14
C ALA A 2 5.26 22.55 3.28
N LYS A 3 5.34 21.25 3.03
CA LYS A 3 5.79 20.31 4.04
C LYS A 3 5.90 18.90 3.45
N ASP A 4 6.80 18.09 4.02
CA ASP A 4 7.01 16.73 3.56
C ASP A 4 6.93 15.74 4.72
N ASP A 5 5.93 14.87 4.68
CA ASP A 5 5.74 13.88 5.73
C ASP A 5 5.37 12.52 5.13
N VAL A 6 6.36 11.84 4.56
CA VAL A 6 6.14 10.53 3.95
C VAL A 6 7.09 9.50 4.52
N ILE A 7 6.57 8.32 4.83
CA ILE A 7 7.38 7.24 5.38
C ILE A 7 6.83 5.88 4.98
N GLN A 8 7.71 4.98 4.53
CA GLN A 8 7.31 3.64 4.13
C GLN A 8 7.13 2.73 5.35
N MET A 9 5.93 2.18 5.49
CA MET A 9 5.63 1.29 6.60
C MET A 9 5.49 -0.16 6.13
N GLN A 10 5.58 -1.10 7.06
CA GLN A 10 5.46 -2.52 6.74
C GLN A 10 4.10 -3.06 7.17
N GLY A 11 3.26 -3.38 6.18
CA GLY A 11 1.94 -3.90 6.47
C GLY A 11 1.64 -5.17 5.70
N GLU A 12 0.43 -5.71 5.91
CA GLU A 12 0.02 -6.93 5.23
C GLU A 12 -1.31 -6.74 4.53
N VAL A 13 -1.44 -7.28 3.32
CA VAL A 13 -2.66 -7.17 2.54
C VAL A 13 -3.84 -7.81 3.29
N ILE A 14 -4.97 -7.12 3.28
CA ILE A 14 -6.17 -7.62 3.95
C ILE A 14 -7.24 -8.01 2.94
N GLU A 15 -7.25 -7.31 1.81
CA GLU A 15 -8.23 -7.59 0.75
C GLU A 15 -7.70 -7.14 -0.61
N ASN A 16 -8.19 -7.80 -1.66
CA ASN A 16 -7.76 -7.47 -3.02
C ASN A 16 -8.95 -7.01 -3.87
N LEU A 17 -8.91 -5.75 -4.28
CA LEU A 17 -9.98 -5.19 -5.10
C LEU A 17 -9.45 -4.73 -6.45
N PRO A 18 -10.34 -4.66 -7.44
CA PRO A 18 -9.98 -4.24 -8.80
C PRO A 18 -9.65 -2.75 -8.87
N ASN A 19 -9.60 -2.22 -10.09
CA ASN A 19 -9.29 -0.80 -10.29
C ASN A 19 -7.86 -0.50 -9.89
N ALA A 20 -6.99 -1.50 -10.01
CA ALA A 20 -5.58 -1.34 -9.66
C ALA A 20 -5.43 -0.83 -8.22
N THR A 21 -6.39 -1.19 -7.38
CA THR A 21 -6.35 -0.77 -5.98
C THR A 21 -6.10 -1.95 -5.05
N PHE A 22 -5.61 -1.66 -3.85
CA PHE A 22 -5.32 -2.70 -2.87
C PHE A 22 -5.38 -2.15 -1.45
N ARG A 23 -5.64 -3.04 -0.49
CA ARG A 23 -5.74 -2.64 0.91
C ARG A 23 -4.73 -3.40 1.76
N VAL A 24 -3.99 -2.66 2.58
CA VAL A 24 -2.99 -3.27 3.45
C VAL A 24 -3.07 -2.70 4.87
N LYS A 25 -2.94 -3.58 5.86
CA LYS A 25 -3.01 -3.18 7.25
C LYS A 25 -1.61 -2.82 7.78
N LEU A 26 -1.49 -1.64 8.38
CA LEU A 26 -0.22 -1.19 8.92
C LEU A 26 0.05 -1.82 10.29
N GLU A 27 0.76 -1.09 11.14
CA GLU A 27 1.07 -1.58 12.48
C GLU A 27 -0.04 -1.23 13.46
N ASN A 28 -0.64 -0.07 13.28
CA ASN A 28 -1.73 0.38 14.14
C ASN A 28 -2.92 -0.56 14.06
N GLY A 29 -2.94 -1.39 13.02
CA GLY A 29 -4.03 -2.33 12.84
C GLY A 29 -5.02 -1.88 11.78
N HIS A 30 -5.07 -0.58 11.54
CA HIS A 30 -5.98 -0.02 10.54
C HIS A 30 -5.53 -0.39 9.13
N VAL A 31 -6.48 -0.39 8.20
CA VAL A 31 -6.19 -0.73 6.81
C VAL A 31 -6.06 0.53 5.95
N VAL A 32 -5.08 0.53 5.05
CA VAL A 32 -4.86 1.67 4.18
C VAL A 32 -5.22 1.34 2.74
N LEU A 33 -5.82 2.30 2.04
CA LEU A 33 -6.22 2.11 0.65
C LEU A 33 -5.25 2.81 -0.29
N GLY A 34 -4.66 2.04 -1.20
CA GLY A 34 -3.72 2.60 -2.15
C GLY A 34 -3.74 1.88 -3.49
N HIS A 35 -2.67 2.02 -4.26
CA HIS A 35 -2.57 1.38 -5.56
C HIS A 35 -1.11 1.24 -5.98
N ILE A 36 -0.81 0.16 -6.72
CA ILE A 36 0.54 -0.08 -7.19
C ILE A 36 0.78 0.57 -8.54
N SER A 37 2.00 1.08 -8.74
CA SER A 37 2.36 1.74 -9.99
C SER A 37 3.83 1.50 -10.32
N GLY A 38 4.16 1.64 -11.61
CA GLY A 38 5.54 1.43 -12.03
C GLY A 38 5.64 0.51 -13.24
N LYS A 39 6.86 0.09 -13.56
CA LYS A 39 7.09 -0.80 -14.69
C LYS A 39 7.04 -2.26 -14.25
N MET A 40 7.22 -2.49 -12.96
CA MET A 40 7.20 -3.84 -12.41
C MET A 40 5.76 -4.27 -12.12
N ARG A 41 4.87 -3.30 -11.99
CA ARG A 41 3.46 -3.58 -11.71
C ARG A 41 2.73 -4.00 -12.97
N MET A 42 3.27 -3.64 -14.13
CA MET A 42 2.67 -3.98 -15.40
C MET A 42 3.18 -5.34 -15.90
N HIS A 43 3.90 -6.05 -15.04
CA HIS A 43 4.43 -7.35 -15.38
C HIS A 43 3.51 -8.47 -14.91
N TYR A 44 2.23 -8.14 -14.75
CA TYR A 44 1.24 -9.12 -14.30
C TYR A 44 1.71 -9.80 -13.02
N ILE A 45 2.08 -9.00 -12.03
CA ILE A 45 2.54 -9.54 -10.75
C ILE A 45 1.40 -10.22 -9.99
N ARG A 46 1.73 -11.32 -9.32
CA ARG A 46 0.74 -12.06 -8.56
C ARG A 46 0.57 -11.48 -7.16
N ILE A 47 -0.68 -11.37 -6.72
CA ILE A 47 -0.97 -10.83 -5.39
C ILE A 47 -2.02 -11.66 -4.68
N LEU A 48 -1.87 -11.80 -3.37
CA LEU A 48 -2.80 -12.57 -2.56
C LEU A 48 -2.95 -11.98 -1.16
N PRO A 49 -4.06 -12.31 -0.49
CA PRO A 49 -4.34 -11.82 0.86
C PRO A 49 -3.40 -12.43 1.90
N GLY A 50 -2.91 -11.59 2.80
CA GLY A 50 -2.00 -12.06 3.85
C GLY A 50 -0.55 -11.77 3.52
N ASP A 51 -0.25 -11.58 2.25
CA ASP A 51 1.11 -11.29 1.81
C ASP A 51 1.61 -9.99 2.43
N LYS A 52 2.83 -10.01 2.95
CA LYS A 52 3.43 -8.83 3.56
C LYS A 52 4.01 -7.90 2.50
N VAL A 53 3.57 -6.65 2.54
CA VAL A 53 4.05 -5.64 1.58
C VAL A 53 4.27 -4.30 2.26
N THR A 54 5.00 -3.42 1.58
CA THR A 54 5.29 -2.09 2.12
C THR A 54 4.36 -1.04 1.52
N VAL A 55 3.91 -0.11 2.35
CA VAL A 55 3.03 0.96 1.90
C VAL A 55 3.40 2.29 2.54
N GLU A 56 3.40 3.35 1.73
CA GLU A 56 3.73 4.67 2.22
C GLU A 56 2.47 5.50 2.47
N LEU A 57 2.25 5.86 3.73
CA LEU A 57 1.08 6.65 4.10
C LEU A 57 1.49 7.98 4.72
N THR A 58 0.64 8.99 4.58
CA THR A 58 0.92 10.31 5.14
C THR A 58 0.13 10.55 6.40
N PRO A 59 0.59 11.50 7.23
CA PRO A 59 -0.07 11.86 8.49
C PRO A 59 -1.41 12.55 8.28
N TYR A 60 -1.42 13.55 7.40
CA TYR A 60 -2.63 14.30 7.11
C TYR A 60 -3.65 13.42 6.40
N ASP A 61 -3.17 12.63 5.44
CA ASP A 61 -4.04 11.75 4.68
C ASP A 61 -3.82 10.29 5.08
N LEU A 62 -4.52 9.85 6.12
CA LEU A 62 -4.39 8.47 6.60
C LEU A 62 -5.39 7.56 5.90
N SER A 63 -6.03 8.06 4.85
CA SER A 63 -7.00 7.30 4.10
C SER A 63 -6.57 7.14 2.64
N ARG A 64 -5.27 7.21 2.41
CA ARG A 64 -4.72 7.07 1.07
C ARG A 64 -3.20 6.92 1.10
N ALA A 65 -2.71 5.78 0.65
CA ALA A 65 -1.28 5.51 0.63
C ALA A 65 -0.85 4.91 -0.70
N ARG A 66 0.46 4.82 -0.91
CA ARG A 66 1.00 4.26 -2.15
C ARG A 66 1.48 2.82 -1.93
N ILE A 67 1.07 1.93 -2.82
CA ILE A 67 1.46 0.53 -2.73
C ILE A 67 2.90 0.33 -3.16
N VAL A 68 3.67 -0.38 -2.33
CA VAL A 68 5.07 -0.64 -2.63
C VAL A 68 5.33 -2.14 -2.71
N PHE A 69 6.47 -2.51 -3.31
CA PHE A 69 6.85 -3.91 -3.45
C PHE A 69 6.72 -4.64 -2.11
N ARG A 70 6.71 -5.97 -2.17
CA ARG A 70 6.61 -6.79 -0.97
C ARG A 70 7.60 -6.35 0.09
N ALA A 71 7.34 -6.71 1.34
CA ALA A 71 8.21 -6.35 2.45
C ALA A 71 9.01 -7.56 2.94
N LYS A 72 9.36 -8.44 2.00
CA LYS A 72 10.12 -9.64 2.34
C LYS A 72 11.42 -9.27 3.06
N MET A 1 11.70 25.53 -1.65
CA MET A 1 10.51 25.94 -0.92
C MET A 1 9.53 24.77 -0.78
N ALA A 2 10.05 23.58 -0.53
CA ALA A 2 9.23 22.39 -0.38
C ALA A 2 9.57 21.64 0.89
N LYS A 3 8.91 20.52 1.11
CA LYS A 3 9.13 19.71 2.31
C LYS A 3 8.68 18.27 2.09
N ASP A 4 8.99 17.40 3.04
CA ASP A 4 8.60 16.00 2.95
C ASP A 4 8.07 15.49 4.29
N ASP A 5 6.76 15.35 4.39
CA ASP A 5 6.13 14.88 5.61
C ASP A 5 5.38 13.57 5.36
N VAL A 6 6.12 12.52 5.03
CA VAL A 6 5.53 11.22 4.77
C VAL A 6 6.26 10.12 5.53
N ILE A 7 5.53 9.07 5.89
CA ILE A 7 6.10 7.96 6.63
C ILE A 7 5.69 6.63 6.01
N GLN A 8 6.66 5.72 5.86
CA GLN A 8 6.38 4.41 5.29
C GLN A 8 6.01 3.41 6.37
N MET A 9 4.86 2.77 6.22
CA MET A 9 4.37 1.79 7.19
C MET A 9 4.44 0.39 6.60
N GLN A 10 4.50 -0.61 7.48
CA GLN A 10 4.56 -2.00 7.05
C GLN A 10 3.23 -2.70 7.29
N GLY A 11 2.54 -3.02 6.20
CA GLY A 11 1.24 -3.69 6.30
C GLY A 11 1.15 -4.92 5.42
N GLU A 12 0.00 -5.58 5.46
CA GLU A 12 -0.21 -6.78 4.65
C GLU A 12 -1.55 -6.70 3.91
N VAL A 13 -1.54 -7.15 2.66
CA VAL A 13 -2.76 -7.14 1.84
C VAL A 13 -3.78 -8.13 2.37
N ILE A 14 -5.03 -7.67 2.49
CA ILE A 14 -6.11 -8.51 2.98
C ILE A 14 -7.20 -8.68 1.93
N GLU A 15 -7.37 -7.66 1.09
CA GLU A 15 -8.38 -7.70 0.04
C GLU A 15 -7.81 -7.20 -1.28
N ASN A 16 -8.41 -7.64 -2.38
CA ASN A 16 -7.96 -7.23 -3.71
C ASN A 16 -9.14 -6.88 -4.60
N LEU A 17 -9.17 -5.64 -5.09
CA LEU A 17 -10.25 -5.18 -5.95
C LEU A 17 -9.69 -4.47 -7.18
N PRO A 18 -10.51 -4.38 -8.24
CA PRO A 18 -10.13 -3.73 -9.49
C PRO A 18 -10.00 -2.22 -9.34
N ASN A 19 -9.88 -1.53 -10.47
CA ASN A 19 -9.76 -0.07 -10.47
C ASN A 19 -8.45 0.35 -9.80
N ALA A 20 -7.44 -0.50 -9.90
CA ALA A 20 -6.14 -0.21 -9.32
C ALA A 20 -6.28 0.19 -7.85
N THR A 21 -6.82 -0.71 -7.05
CA THR A 21 -7.01 -0.46 -5.62
C THR A 21 -6.81 -1.72 -4.80
N PHE A 22 -6.26 -1.57 -3.61
CA PHE A 22 -6.01 -2.70 -2.72
C PHE A 22 -6.00 -2.26 -1.26
N ARG A 23 -6.46 -3.14 -0.38
CA ARG A 23 -6.51 -2.85 1.05
C ARG A 23 -5.43 -3.62 1.80
N VAL A 24 -4.70 -2.92 2.66
CA VAL A 24 -3.63 -3.53 3.44
C VAL A 24 -3.69 -3.10 4.90
N LYS A 25 -3.45 -4.04 5.81
CA LYS A 25 -3.48 -3.75 7.23
C LYS A 25 -2.07 -3.54 7.78
N LEU A 26 -1.84 -2.38 8.38
CA LEU A 26 -0.52 -2.07 8.94
C LEU A 26 -0.20 -2.98 10.12
N GLU A 27 0.57 -2.47 11.07
CA GLU A 27 0.95 -3.23 12.25
C GLU A 27 -0.13 -3.17 13.32
N ASN A 28 -0.65 -1.97 13.56
CA ASN A 28 -1.70 -1.77 14.56
C ASN A 28 -2.99 -2.47 14.14
N GLY A 29 -3.08 -2.83 12.86
CA GLY A 29 -4.26 -3.50 12.36
C GLY A 29 -5.17 -2.58 11.56
N HIS A 30 -4.74 -1.32 11.43
CA HIS A 30 -5.52 -0.33 10.69
C HIS A 30 -5.52 -0.64 9.20
N VAL A 31 -6.68 -0.51 8.56
CA VAL A 31 -6.81 -0.78 7.14
C VAL A 31 -6.62 0.50 6.32
N VAL A 32 -6.06 0.36 5.13
CA VAL A 32 -5.83 1.50 4.25
C VAL A 32 -6.00 1.10 2.78
N LEU A 33 -6.62 1.99 2.01
CA LEU A 33 -6.83 1.74 0.59
C LEU A 33 -5.86 2.55 -0.27
N GLY A 34 -5.29 1.90 -1.27
CA GLY A 34 -4.35 2.57 -2.15
C GLY A 34 -4.12 1.82 -3.44
N HIS A 35 -3.22 2.33 -4.28
CA HIS A 35 -2.90 1.71 -5.55
C HIS A 35 -1.41 1.42 -5.67
N ILE A 36 -1.07 0.32 -6.35
CA ILE A 36 0.32 -0.06 -6.53
C ILE A 36 0.81 0.31 -7.93
N SER A 37 2.07 0.71 -8.02
CA SER A 37 2.67 1.09 -9.29
C SER A 37 4.17 0.84 -9.30
N GLY A 38 4.72 0.55 -10.47
CA GLY A 38 6.14 0.29 -10.58
C GLY A 38 6.50 -0.45 -11.86
N LYS A 39 7.71 -0.99 -11.91
CA LYS A 39 8.18 -1.72 -13.07
C LYS A 39 7.84 -3.20 -12.95
N MET A 40 7.64 -3.66 -11.72
CA MET A 40 7.30 -5.05 -11.47
C MET A 40 5.80 -5.30 -11.63
N ARG A 41 5.02 -4.22 -11.55
CA ARG A 41 3.58 -4.31 -11.69
C ARG A 41 3.17 -4.40 -13.15
N MET A 42 4.07 -3.97 -14.04
CA MET A 42 3.80 -4.00 -15.47
C MET A 42 4.04 -5.39 -16.03
N HIS A 43 4.55 -6.28 -15.20
CA HIS A 43 4.82 -7.67 -15.61
C HIS A 43 3.64 -8.57 -15.30
N TYR A 44 2.48 -7.96 -15.06
CA TYR A 44 1.27 -8.72 -14.73
C TYR A 44 1.53 -9.70 -13.59
N ILE A 45 2.05 -9.18 -12.49
CA ILE A 45 2.34 -10.01 -11.32
C ILE A 45 1.10 -10.75 -10.84
N ARG A 46 1.24 -11.51 -9.77
CA ARG A 46 0.13 -12.26 -9.21
C ARG A 46 -0.02 -11.99 -7.72
N ILE A 47 -0.57 -10.82 -7.39
CA ILE A 47 -0.76 -10.44 -5.99
C ILE A 47 -1.85 -11.28 -5.33
N LEU A 48 -1.71 -11.51 -4.04
CA LEU A 48 -2.68 -12.30 -3.29
C LEU A 48 -2.79 -11.80 -1.85
N PRO A 49 -3.91 -12.14 -1.20
CA PRO A 49 -4.17 -11.75 0.20
C PRO A 49 -3.25 -12.48 1.18
N GLY A 50 -2.45 -11.72 1.91
CA GLY A 50 -1.55 -12.32 2.88
C GLY A 50 -0.10 -11.98 2.61
N ASP A 51 0.13 -11.05 1.68
CA ASP A 51 1.48 -10.63 1.33
C ASP A 51 1.87 -9.35 2.07
N LYS A 52 3.08 -9.34 2.62
CA LYS A 52 3.57 -8.18 3.35
C LYS A 52 4.09 -7.11 2.39
N VAL A 53 3.50 -5.92 2.47
CA VAL A 53 3.89 -4.81 1.61
C VAL A 53 3.91 -3.50 2.39
N THR A 54 4.72 -2.55 1.93
CA THR A 54 4.84 -1.26 2.57
C THR A 54 3.83 -0.26 2.00
N VAL A 55 3.33 0.62 2.86
CA VAL A 55 2.34 1.61 2.43
C VAL A 55 2.64 2.97 3.07
N GLU A 56 2.54 4.02 2.27
CA GLU A 56 2.80 5.38 2.75
C GLU A 56 1.49 6.11 3.03
N LEU A 57 1.31 6.54 4.28
CA LEU A 57 0.10 7.26 4.68
C LEU A 57 0.41 8.72 4.96
N THR A 58 -0.52 9.60 4.60
CA THR A 58 -0.35 11.03 4.82
C THR A 58 -1.17 11.51 6.01
N PRO A 59 -0.80 12.67 6.57
CA PRO A 59 -1.49 13.25 7.71
C PRO A 59 -2.88 13.77 7.35
N TYR A 60 -3.15 13.86 6.06
CA TYR A 60 -4.44 14.34 5.59
C TYR A 60 -5.58 13.46 6.11
N ASP A 61 -5.37 12.15 6.07
CA ASP A 61 -6.37 11.21 6.55
C ASP A 61 -5.75 9.84 6.81
N LEU A 62 -6.42 9.03 7.62
CA LEU A 62 -5.92 7.70 7.95
C LEU A 62 -6.73 6.63 7.23
N SER A 63 -7.48 7.05 6.21
CA SER A 63 -8.29 6.12 5.43
C SER A 63 -7.87 6.12 3.97
N ARG A 64 -6.58 6.34 3.73
CA ARG A 64 -6.04 6.37 2.37
C ARG A 64 -4.51 6.41 2.40
N ALA A 65 -3.90 5.75 1.42
CA ALA A 65 -2.44 5.71 1.33
C ALA A 65 -1.99 5.14 -0.01
N ARG A 66 -0.69 5.20 -0.27
CA ARG A 66 -0.14 4.69 -1.52
C ARG A 66 0.51 3.33 -1.31
N ILE A 67 0.20 2.39 -2.19
CA ILE A 67 0.76 1.04 -2.10
C ILE A 67 2.21 1.01 -2.56
N VAL A 68 3.03 0.28 -1.83
CA VAL A 68 4.45 0.16 -2.16
C VAL A 68 4.86 -1.31 -2.30
N PHE A 69 6.01 -1.53 -2.94
CA PHE A 69 6.52 -2.88 -3.14
C PHE A 69 6.51 -3.66 -1.82
N ARG A 70 6.67 -4.98 -1.93
CA ARG A 70 6.70 -5.84 -0.74
C ARG A 70 7.66 -5.30 0.31
N ALA A 71 7.41 -5.64 1.56
CA ALA A 71 8.26 -5.20 2.66
C ALA A 71 9.41 -6.16 2.89
N LYS A 72 10.17 -6.42 1.83
CA LYS A 72 11.31 -7.33 1.92
C LYS A 72 12.29 -6.88 3.00
N MET A 1 1.10 23.33 3.92
CA MET A 1 2.26 23.01 4.74
C MET A 1 3.32 22.26 3.93
N ALA A 2 4.40 22.96 3.58
CA ALA A 2 5.47 22.37 2.82
C ALA A 2 6.10 21.19 3.56
N LYS A 3 6.03 21.24 4.89
CA LYS A 3 6.59 20.18 5.72
C LYS A 3 6.06 18.81 5.29
N ASP A 4 6.89 18.04 4.61
CA ASP A 4 6.51 16.71 4.15
C ASP A 4 6.92 15.64 5.16
N ASP A 5 5.96 15.15 5.94
CA ASP A 5 6.23 14.13 6.94
C ASP A 5 5.94 12.74 6.39
N VAL A 6 6.38 12.49 5.16
CA VAL A 6 6.16 11.19 4.52
C VAL A 6 7.00 10.11 5.18
N ILE A 7 6.38 8.96 5.42
CA ILE A 7 7.08 7.83 6.04
C ILE A 7 6.58 6.51 5.48
N GLN A 8 7.53 5.65 5.10
CA GLN A 8 7.20 4.34 4.54
C GLN A 8 6.85 3.35 5.65
N MET A 9 5.66 2.77 5.56
CA MET A 9 5.21 1.80 6.56
C MET A 9 5.19 0.39 5.98
N GLN A 10 5.39 -0.61 6.83
CA GLN A 10 5.39 -2.00 6.39
C GLN A 10 4.16 -2.73 6.91
N GLY A 11 3.25 -3.08 6.01
CA GLY A 11 2.05 -3.78 6.39
C GLY A 11 1.79 -5.01 5.53
N GLU A 12 0.70 -5.71 5.82
CA GLU A 12 0.35 -6.91 5.08
C GLU A 12 -0.99 -6.75 4.38
N VAL A 13 -1.08 -7.26 3.16
CA VAL A 13 -2.32 -7.17 2.38
C VAL A 13 -3.45 -7.93 3.06
N ILE A 14 -4.63 -7.32 3.07
CA ILE A 14 -5.80 -7.92 3.69
C ILE A 14 -6.91 -8.14 2.67
N GLU A 15 -6.96 -7.27 1.66
CA GLU A 15 -7.97 -7.36 0.63
C GLU A 15 -7.37 -7.11 -0.75
N ASN A 16 -8.04 -7.59 -1.79
CA ASN A 16 -7.57 -7.41 -3.16
C ASN A 16 -8.72 -7.10 -4.10
N LEU A 17 -8.70 -5.92 -4.70
CA LEU A 17 -9.75 -5.51 -5.62
C LEU A 17 -9.16 -5.02 -6.94
N PRO A 18 -9.99 -4.99 -7.99
CA PRO A 18 -9.57 -4.56 -9.33
C PRO A 18 -9.29 -3.06 -9.38
N ASN A 19 -9.09 -2.55 -10.59
CA ASN A 19 -8.82 -1.13 -10.78
C ASN A 19 -7.51 -0.72 -10.09
N ALA A 20 -6.57 -1.67 -10.03
CA ALA A 20 -5.28 -1.41 -9.40
C ALA A 20 -5.45 -0.93 -7.96
N THR A 21 -6.41 -1.53 -7.26
CA THR A 21 -6.69 -1.17 -5.88
C THR A 21 -6.26 -2.28 -4.92
N PHE A 22 -5.70 -1.90 -3.78
CA PHE A 22 -5.24 -2.86 -2.79
C PHE A 22 -5.23 -2.25 -1.39
N ARG A 23 -5.45 -3.08 -0.38
CA ARG A 23 -5.47 -2.61 1.01
C ARG A 23 -4.52 -3.44 1.87
N VAL A 24 -3.79 -2.77 2.74
CA VAL A 24 -2.84 -3.45 3.63
C VAL A 24 -2.94 -2.90 5.05
N LYS A 25 -2.72 -3.77 6.02
CA LYS A 25 -2.78 -3.38 7.43
C LYS A 25 -1.38 -3.15 8.00
N LEU A 26 -1.19 -2.01 8.64
CA LEU A 26 0.11 -1.68 9.23
C LEU A 26 0.29 -2.37 10.57
N GLU A 27 1.04 -1.73 11.47
CA GLU A 27 1.29 -2.29 12.79
C GLU A 27 0.16 -1.93 13.76
N ASN A 28 -0.32 -0.70 13.64
CA ASN A 28 -1.41 -0.22 14.50
C ASN A 28 -2.67 -1.05 14.29
N GLY A 29 -2.72 -1.78 13.18
CA GLY A 29 -3.88 -2.60 12.89
C GLY A 29 -4.78 -1.97 11.84
N HIS A 30 -4.60 -0.67 11.62
CA HIS A 30 -5.41 0.06 10.64
C HIS A 30 -5.05 -0.36 9.21
N VAL A 31 -6.05 -0.47 8.36
CA VAL A 31 -5.84 -0.86 6.97
C VAL A 31 -5.87 0.35 6.05
N VAL A 32 -4.82 0.51 5.26
CA VAL A 32 -4.73 1.62 4.33
C VAL A 32 -5.03 1.18 2.90
N LEU A 33 -5.75 2.02 2.16
CA LEU A 33 -6.11 1.71 0.79
C LEU A 33 -5.27 2.53 -0.19
N GLY A 34 -4.77 1.86 -1.23
CA GLY A 34 -3.96 2.53 -2.22
C GLY A 34 -3.88 1.78 -3.52
N HIS A 35 -3.06 2.27 -4.45
CA HIS A 35 -2.90 1.63 -5.76
C HIS A 35 -1.44 1.32 -6.03
N ILE A 36 -1.19 0.22 -6.73
CA ILE A 36 0.17 -0.19 -7.07
C ILE A 36 0.51 0.16 -8.52
N SER A 37 1.76 0.53 -8.74
CA SER A 37 2.22 0.90 -10.08
C SER A 37 3.66 0.46 -10.31
N GLY A 38 4.01 0.19 -11.56
CA GLY A 38 5.35 -0.23 -11.88
C GLY A 38 5.42 -1.00 -13.19
N LYS A 39 6.63 -1.38 -13.59
CA LYS A 39 6.83 -2.12 -14.83
C LYS A 39 6.52 -3.60 -14.63
N MET A 40 6.56 -4.04 -13.37
CA MET A 40 6.28 -5.44 -13.04
C MET A 40 4.78 -5.67 -12.91
N ARG A 41 4.03 -4.59 -12.70
CA ARG A 41 2.59 -4.69 -12.55
C ARG A 41 1.90 -4.81 -13.92
N MET A 42 2.63 -4.46 -14.97
CA MET A 42 2.11 -4.53 -16.33
C MET A 42 2.36 -5.90 -16.94
N HIS A 43 2.82 -6.84 -16.12
CA HIS A 43 3.10 -8.19 -16.58
C HIS A 43 2.03 -9.16 -16.08
N TYR A 44 0.85 -8.64 -15.78
CA TYR A 44 -0.25 -9.46 -15.30
C TYR A 44 0.12 -10.14 -13.97
N ILE A 45 0.34 -9.33 -12.95
CA ILE A 45 0.70 -9.86 -11.63
C ILE A 45 -0.47 -10.61 -11.00
N ARG A 46 -0.27 -11.07 -9.77
CA ARG A 46 -1.31 -11.82 -9.07
C ARG A 46 -1.10 -11.73 -7.55
N ILE A 47 -1.29 -10.53 -7.00
CA ILE A 47 -1.12 -10.32 -5.56
C ILE A 47 -2.25 -10.99 -4.77
N LEU A 48 -1.90 -11.53 -3.60
CA LEU A 48 -2.88 -12.19 -2.75
C LEU A 48 -2.84 -11.62 -1.34
N PRO A 49 -3.98 -11.73 -0.62
CA PRO A 49 -4.10 -11.23 0.75
C PRO A 49 -3.27 -12.05 1.73
N GLY A 50 -2.34 -11.37 2.42
CA GLY A 50 -1.50 -12.05 3.39
C GLY A 50 -0.03 -11.89 3.08
N ASP A 51 0.29 -11.01 2.14
CA ASP A 51 1.68 -10.77 1.75
C ASP A 51 2.19 -9.48 2.37
N LYS A 52 3.45 -9.49 2.79
CA LYS A 52 4.06 -8.32 3.41
C LYS A 52 4.52 -7.32 2.35
N VAL A 53 3.98 -6.10 2.41
CA VAL A 53 4.32 -5.06 1.45
C VAL A 53 4.46 -3.72 2.14
N THR A 54 5.13 -2.78 1.47
CA THR A 54 5.34 -1.44 2.01
C THR A 54 4.33 -0.45 1.44
N VAL A 55 3.90 0.50 2.25
CA VAL A 55 2.94 1.51 1.82
C VAL A 55 3.31 2.89 2.38
N GLU A 56 3.21 3.91 1.53
CA GLU A 56 3.53 5.27 1.93
C GLU A 56 2.25 6.06 2.23
N LEU A 57 2.14 6.53 3.47
CA LEU A 57 0.96 7.30 3.87
C LEU A 57 1.37 8.68 4.38
N THR A 58 0.62 9.70 3.97
CA THR A 58 0.90 11.07 4.39
C THR A 58 -0.02 11.51 5.52
N PRO A 59 0.40 12.53 6.26
CA PRO A 59 -0.36 13.07 7.39
C PRO A 59 -1.64 13.78 6.95
N TYR A 60 -1.64 14.25 5.71
CA TYR A 60 -2.79 14.94 5.16
C TYR A 60 -4.05 14.09 5.24
N ASP A 61 -3.86 12.77 5.29
CA ASP A 61 -4.97 11.83 5.38
C ASP A 61 -4.47 10.41 5.59
N LEU A 62 -4.96 9.76 6.63
CA LEU A 62 -4.56 8.39 6.94
C LEU A 62 -5.54 7.39 6.33
N SER A 63 -6.30 7.83 5.34
CA SER A 63 -7.28 6.98 4.67
C SER A 63 -6.95 6.86 3.19
N ARG A 64 -5.69 7.07 2.84
CA ARG A 64 -5.25 6.99 1.45
C ARG A 64 -3.73 7.00 1.36
N ALA A 65 -3.16 5.90 0.89
CA ALA A 65 -1.72 5.78 0.75
C ALA A 65 -1.34 5.16 -0.58
N ARG A 66 -0.05 5.14 -0.89
CA ARG A 66 0.44 4.59 -2.15
C ARG A 66 1.01 3.19 -1.92
N ILE A 67 0.62 2.25 -2.78
CA ILE A 67 1.10 0.88 -2.68
C ILE A 67 2.53 0.76 -3.19
N VAL A 68 3.40 0.17 -2.37
CA VAL A 68 4.80 -0.01 -2.74
C VAL A 68 5.15 -1.49 -2.84
N PHE A 69 6.26 -1.78 -3.51
CA PHE A 69 6.72 -3.16 -3.67
C PHE A 69 6.73 -3.89 -2.34
N ARG A 70 6.83 -5.22 -2.40
CA ARG A 70 6.85 -6.04 -1.19
C ARG A 70 7.88 -5.50 -0.19
N ALA A 71 7.71 -5.86 1.08
CA ALA A 71 8.61 -5.42 2.13
C ALA A 71 9.63 -6.51 2.46
N LYS A 72 10.88 -6.10 2.64
CA LYS A 72 11.96 -7.02 2.96
C LYS A 72 12.41 -6.85 4.41
N MET A 1 7.72 22.36 4.27
CA MET A 1 8.66 21.36 4.78
C MET A 1 8.44 21.13 6.28
N ALA A 2 7.18 21.18 6.70
CA ALA A 2 6.84 20.99 8.10
C ALA A 2 5.53 20.22 8.24
N LYS A 3 5.42 19.44 9.32
CA LYS A 3 4.22 18.66 9.57
C LYS A 3 3.96 17.67 8.44
N ASP A 4 5.03 17.27 7.76
CA ASP A 4 4.93 16.32 6.66
C ASP A 4 4.18 15.06 7.09
N ASP A 5 3.48 14.44 6.14
CA ASP A 5 2.73 13.23 6.42
C ASP A 5 3.09 12.12 5.44
N VAL A 6 4.38 11.83 5.33
CA VAL A 6 4.86 10.79 4.42
C VAL A 6 5.78 9.82 5.15
N ILE A 7 5.40 8.55 5.16
CA ILE A 7 6.19 7.52 5.82
C ILE A 7 6.01 6.16 5.15
N GLN A 8 7.13 5.49 4.87
CA GLN A 8 7.09 4.19 4.22
C GLN A 8 7.11 3.07 5.25
N MET A 9 6.20 2.11 5.11
CA MET A 9 6.12 0.98 6.03
C MET A 9 5.83 -0.31 5.28
N GLN A 10 5.99 -1.44 5.96
CA GLN A 10 5.75 -2.74 5.36
C GLN A 10 4.42 -3.33 5.85
N GLY A 11 3.37 -3.17 5.04
CA GLY A 11 2.07 -3.68 5.42
C GLY A 11 1.79 -5.04 4.78
N GLU A 12 0.61 -5.58 5.06
CA GLU A 12 0.22 -6.87 4.52
C GLU A 12 -1.22 -6.83 3.99
N VAL A 13 -1.43 -7.45 2.83
CA VAL A 13 -2.74 -7.49 2.22
C VAL A 13 -3.74 -8.23 3.09
N ILE A 14 -4.87 -7.60 3.37
CA ILE A 14 -5.91 -8.20 4.20
C ILE A 14 -7.22 -8.32 3.43
N GLU A 15 -7.45 -7.39 2.51
CA GLU A 15 -8.67 -7.38 1.71
C GLU A 15 -8.40 -6.82 0.32
N ASN A 16 -9.27 -7.17 -0.63
CA ASN A 16 -9.13 -6.70 -2.00
C ASN A 16 -10.35 -5.90 -2.43
N LEU A 17 -10.13 -4.88 -3.25
CA LEU A 17 -11.21 -4.03 -3.74
C LEU A 17 -11.04 -3.72 -5.22
N PRO A 18 -12.13 -3.29 -5.87
CA PRO A 18 -12.13 -2.94 -7.29
C PRO A 18 -11.35 -1.67 -7.58
N ASN A 19 -11.44 -1.18 -8.81
CA ASN A 19 -10.75 0.03 -9.21
C ASN A 19 -9.23 -0.15 -9.11
N ALA A 20 -8.79 -1.40 -9.11
CA ALA A 20 -7.37 -1.71 -9.02
C ALA A 20 -6.79 -1.24 -7.70
N THR A 21 -7.62 -1.23 -6.66
CA THR A 21 -7.20 -0.80 -5.33
C THR A 21 -7.14 -1.97 -4.37
N PHE A 22 -6.11 -2.00 -3.53
CA PHE A 22 -5.95 -3.08 -2.55
C PHE A 22 -5.81 -2.51 -1.14
N ARG A 23 -6.22 -3.29 -0.15
CA ARG A 23 -6.15 -2.87 1.24
C ARG A 23 -5.14 -3.72 2.01
N VAL A 24 -4.24 -3.05 2.73
CA VAL A 24 -3.22 -3.75 3.52
C VAL A 24 -3.10 -3.16 4.91
N LYS A 25 -2.94 -4.01 5.92
CA LYS A 25 -2.81 -3.58 7.29
C LYS A 25 -1.35 -3.28 7.63
N LEU A 26 -1.10 -2.10 8.19
CA LEU A 26 0.25 -1.70 8.57
C LEU A 26 0.65 -2.32 9.91
N GLU A 27 1.49 -1.61 10.65
CA GLU A 27 1.95 -2.10 11.96
C GLU A 27 0.99 -1.67 13.06
N ASN A 28 0.27 -0.57 12.82
CA ASN A 28 -0.68 -0.06 13.80
C ASN A 28 -1.93 -0.94 13.84
N GLY A 29 -2.11 -1.77 12.82
CA GLY A 29 -3.27 -2.64 12.77
C GLY A 29 -4.31 -2.16 11.79
N HIS A 30 -4.34 -0.86 11.55
CA HIS A 30 -5.31 -0.27 10.62
C HIS A 30 -4.99 -0.66 9.18
N VAL A 31 -6.00 -0.66 8.33
CA VAL A 31 -5.83 -1.02 6.93
C VAL A 31 -5.78 0.23 6.05
N VAL A 32 -4.84 0.24 5.12
CA VAL A 32 -4.68 1.38 4.22
C VAL A 32 -5.08 1.01 2.80
N LEU A 33 -5.74 1.93 2.11
CA LEU A 33 -6.20 1.70 0.75
C LEU A 33 -5.31 2.45 -0.25
N GLY A 34 -4.90 1.76 -1.31
CA GLY A 34 -4.06 2.37 -2.32
C GLY A 34 -4.09 1.62 -3.63
N HIS A 35 -3.28 2.07 -4.59
CA HIS A 35 -3.22 1.44 -5.90
C HIS A 35 -1.79 1.04 -6.25
N ILE A 36 -1.64 -0.06 -6.99
CA ILE A 36 -0.33 -0.54 -7.39
C ILE A 36 0.26 0.33 -8.50
N SER A 37 1.54 0.67 -8.37
CA SER A 37 2.21 1.50 -9.36
C SER A 37 3.60 0.94 -9.68
N GLY A 38 4.19 1.42 -10.77
CA GLY A 38 5.50 0.96 -11.16
C GLY A 38 5.46 0.00 -12.33
N LYS A 39 6.58 -0.66 -12.61
CA LYS A 39 6.66 -1.61 -13.70
C LYS A 39 6.06 -2.96 -13.30
N MET A 40 6.02 -3.22 -12.00
CA MET A 40 5.47 -4.47 -11.50
C MET A 40 4.08 -4.73 -12.09
N ARG A 41 3.19 -3.76 -11.92
CA ARG A 41 1.83 -3.89 -12.45
C ARG A 41 1.84 -4.32 -13.92
N MET A 42 2.92 -3.98 -14.61
CA MET A 42 3.06 -4.32 -16.02
C MET A 42 3.72 -5.69 -16.19
N HIS A 43 4.59 -6.04 -15.24
CA HIS A 43 5.29 -7.31 -15.28
C HIS A 43 4.44 -8.42 -14.66
N TYR A 44 3.22 -8.07 -14.27
CA TYR A 44 2.31 -9.03 -13.65
C TYR A 44 2.95 -9.68 -12.43
N ILE A 45 2.89 -8.98 -11.30
CA ILE A 45 3.45 -9.50 -10.06
C ILE A 45 2.43 -10.33 -9.29
N ARG A 46 2.91 -11.35 -8.59
CA ARG A 46 2.04 -12.22 -7.81
C ARG A 46 1.38 -11.44 -6.68
N ILE A 47 0.05 -11.52 -6.61
CA ILE A 47 -0.71 -10.83 -5.57
C ILE A 47 -1.74 -11.75 -4.93
N LEU A 48 -1.73 -11.81 -3.60
CA LEU A 48 -2.67 -12.65 -2.87
C LEU A 48 -2.95 -12.07 -1.48
N PRO A 49 -4.07 -12.48 -0.89
CA PRO A 49 -4.48 -12.02 0.44
C PRO A 49 -3.59 -12.58 1.55
N GLY A 50 -2.82 -11.70 2.18
CA GLY A 50 -1.93 -12.11 3.25
C GLY A 50 -0.47 -11.99 2.87
N ASP A 51 -0.21 -11.33 1.74
CA ASP A 51 1.15 -11.14 1.27
C ASP A 51 1.75 -9.85 1.82
N LYS A 52 3.04 -9.87 2.09
CA LYS A 52 3.74 -8.70 2.63
C LYS A 52 4.06 -7.71 1.52
N VAL A 53 3.58 -6.48 1.65
CA VAL A 53 3.82 -5.44 0.66
C VAL A 53 4.08 -4.09 1.32
N THR A 54 4.93 -3.29 0.68
CA THR A 54 5.27 -1.98 1.23
C THR A 54 4.27 -0.91 0.76
N VAL A 55 3.99 0.05 1.63
CA VAL A 55 3.05 1.12 1.31
C VAL A 55 3.55 2.46 1.84
N GLU A 56 3.13 3.54 1.19
CA GLU A 56 3.53 4.88 1.60
C GLU A 56 2.31 5.79 1.73
N LEU A 57 2.13 6.35 2.92
CA LEU A 57 1.02 7.24 3.19
C LEU A 57 1.26 8.62 2.59
N THR A 58 0.39 9.03 1.67
CA THR A 58 0.52 10.33 1.03
C THR A 58 0.43 11.46 2.04
N PRO A 59 1.05 12.61 1.70
CA PRO A 59 1.07 13.78 2.58
C PRO A 59 -0.31 14.45 2.67
N TYR A 60 -1.14 14.21 1.67
CA TYR A 60 -2.48 14.78 1.64
C TYR A 60 -3.28 14.36 2.87
N ASP A 61 -3.18 13.08 3.22
CA ASP A 61 -3.89 12.55 4.37
C ASP A 61 -3.37 11.16 4.73
N LEU A 62 -3.94 10.57 5.79
CA LEU A 62 -3.54 9.25 6.24
C LEU A 62 -4.54 8.19 5.80
N SER A 63 -5.63 8.65 5.19
CA SER A 63 -6.69 7.74 4.72
C SER A 63 -6.49 7.39 3.24
N ARG A 64 -5.23 7.31 2.83
CA ARG A 64 -4.90 6.99 1.44
C ARG A 64 -3.39 6.87 1.25
N ALA A 65 -2.95 5.67 0.90
CA ALA A 65 -1.52 5.42 0.69
C ALA A 65 -1.28 4.80 -0.68
N ARG A 66 -0.01 4.73 -1.07
CA ARG A 66 0.35 4.17 -2.36
C ARG A 66 0.89 2.75 -2.20
N ILE A 67 0.39 1.83 -3.02
CA ILE A 67 0.82 0.44 -2.96
C ILE A 67 2.18 0.26 -3.60
N VAL A 68 3.04 -0.54 -2.95
CA VAL A 68 4.38 -0.79 -3.46
C VAL A 68 4.65 -2.29 -3.55
N PHE A 69 5.67 -2.65 -4.32
CA PHE A 69 6.04 -4.05 -4.51
C PHE A 69 6.15 -4.76 -3.15
N ARG A 70 6.18 -6.09 -3.20
CA ARG A 70 6.27 -6.89 -1.98
C ARG A 70 7.42 -6.40 -1.10
N ALA A 71 7.25 -6.53 0.21
CA ALA A 71 8.27 -6.11 1.16
C ALA A 71 9.44 -7.08 1.19
N LYS A 72 10.63 -6.58 1.48
CA LYS A 72 11.83 -7.41 1.54
C LYS A 72 12.30 -7.58 2.98
N MET A 1 6.97 23.81 9.92
CA MET A 1 7.87 24.18 8.83
C MET A 1 7.64 23.28 7.62
N ALA A 2 8.09 23.74 6.46
CA ALA A 2 7.95 22.99 5.23
C ALA A 2 8.89 21.78 5.19
N LYS A 3 8.47 20.70 5.83
CA LYS A 3 9.28 19.49 5.88
C LYS A 3 8.46 18.26 5.50
N ASP A 4 9.05 17.37 4.72
CA ASP A 4 8.36 16.16 4.29
C ASP A 4 7.80 15.39 5.49
N ASP A 5 6.48 15.36 5.59
CA ASP A 5 5.81 14.66 6.69
C ASP A 5 5.33 13.29 6.25
N VAL A 6 5.98 12.73 5.24
CA VAL A 6 5.61 11.42 4.72
C VAL A 6 6.37 10.31 5.45
N ILE A 7 5.75 9.14 5.53
CA ILE A 7 6.37 7.99 6.20
C ILE A 7 5.89 6.68 5.59
N GLN A 8 6.84 5.82 5.23
CA GLN A 8 6.52 4.53 4.65
C GLN A 8 6.45 3.44 5.71
N MET A 9 5.33 2.73 5.75
CA MET A 9 5.15 1.66 6.73
C MET A 9 5.16 0.29 6.05
N GLN A 10 5.44 -0.75 6.82
CA GLN A 10 5.48 -2.11 6.29
C GLN A 10 4.27 -2.91 6.76
N GLY A 11 3.37 -3.21 5.83
CA GLY A 11 2.19 -3.98 6.17
C GLY A 11 1.96 -5.15 5.24
N GLU A 12 1.05 -6.04 5.61
CA GLU A 12 0.74 -7.21 4.80
C GLU A 12 -0.64 -7.08 4.17
N VAL A 13 -0.74 -7.50 2.90
CA VAL A 13 -2.01 -7.44 2.17
C VAL A 13 -3.04 -8.37 2.79
N ILE A 14 -4.27 -7.87 2.91
CA ILE A 14 -5.35 -8.67 3.48
C ILE A 14 -6.49 -8.84 2.48
N GLU A 15 -6.68 -7.84 1.62
CA GLU A 15 -7.73 -7.90 0.62
C GLU A 15 -7.30 -7.17 -0.66
N ASN A 16 -7.86 -7.58 -1.78
CA ASN A 16 -7.54 -6.97 -3.06
C ASN A 16 -8.80 -6.50 -3.79
N LEU A 17 -8.90 -5.20 -4.00
CA LEU A 17 -10.06 -4.62 -4.67
C LEU A 17 -9.77 -4.37 -6.14
N PRO A 18 -10.83 -4.23 -6.94
CA PRO A 18 -10.71 -4.00 -8.38
C PRO A 18 -10.18 -2.60 -8.70
N ASN A 19 -10.07 -2.29 -9.99
CA ASN A 19 -9.57 -0.99 -10.42
C ASN A 19 -8.12 -0.80 -9.99
N ALA A 20 -7.39 -1.91 -9.89
CA ALA A 20 -5.98 -1.86 -9.49
C ALA A 20 -5.84 -1.34 -8.07
N THR A 21 -6.75 -1.76 -7.19
CA THR A 21 -6.72 -1.34 -5.80
C THR A 21 -6.32 -2.49 -4.88
N PHE A 22 -5.85 -2.15 -3.68
CA PHE A 22 -5.42 -3.16 -2.71
C PHE A 22 -5.52 -2.61 -1.29
N ARG A 23 -5.68 -3.52 -0.33
CA ARG A 23 -5.79 -3.13 1.08
C ARG A 23 -4.70 -3.80 1.91
N VAL A 24 -3.73 -3.02 2.36
CA VAL A 24 -2.63 -3.54 3.16
C VAL A 24 -2.81 -3.19 4.64
N LYS A 25 -2.51 -4.13 5.51
CA LYS A 25 -2.63 -3.92 6.94
C LYS A 25 -1.28 -3.61 7.58
N LEU A 26 -1.18 -2.44 8.20
CA LEU A 26 0.06 -2.02 8.84
C LEU A 26 0.34 -2.86 10.10
N GLU A 27 1.01 -2.26 11.07
CA GLU A 27 1.33 -2.94 12.31
C GLU A 27 0.27 -2.67 13.37
N ASN A 28 -0.13 -1.42 13.50
CA ASN A 28 -1.14 -1.03 14.47
C ASN A 28 -2.49 -1.68 14.16
N GLY A 29 -2.62 -2.18 12.93
CA GLY A 29 -3.86 -2.82 12.52
C GLY A 29 -4.66 -1.98 11.55
N HIS A 30 -4.15 -0.78 11.25
CA HIS A 30 -4.82 0.13 10.32
C HIS A 30 -4.76 -0.41 8.90
N VAL A 31 -5.88 -0.30 8.19
CA VAL A 31 -5.95 -0.77 6.80
C VAL A 31 -5.80 0.38 5.82
N VAL A 32 -4.80 0.30 4.96
CA VAL A 32 -4.55 1.33 3.95
C VAL A 32 -5.04 0.90 2.58
N LEU A 33 -5.79 1.78 1.93
CA LEU A 33 -6.33 1.49 0.59
C LEU A 33 -5.67 2.37 -0.46
N GLY A 34 -5.30 1.77 -1.58
CA GLY A 34 -4.67 2.50 -2.66
C GLY A 34 -4.34 1.64 -3.85
N HIS A 35 -3.43 2.10 -4.70
CA HIS A 35 -3.03 1.37 -5.88
C HIS A 35 -1.52 1.17 -5.92
N ILE A 36 -1.08 0.04 -6.47
CA ILE A 36 0.33 -0.27 -6.57
C ILE A 36 0.93 0.25 -7.87
N SER A 37 2.17 0.71 -7.80
CA SER A 37 2.86 1.24 -8.97
C SER A 37 4.08 0.39 -9.33
N GLY A 38 4.40 0.33 -10.62
CA GLY A 38 5.55 -0.44 -11.06
C GLY A 38 5.26 -1.24 -12.31
N LYS A 39 6.20 -2.09 -12.70
CA LYS A 39 6.04 -2.92 -13.89
C LYS A 39 5.35 -4.23 -13.55
N MET A 40 5.46 -4.64 -12.30
CA MET A 40 4.85 -5.89 -11.84
C MET A 40 3.36 -5.92 -12.17
N ARG A 41 2.78 -4.73 -12.35
CA ARG A 41 1.36 -4.62 -12.67
C ARG A 41 1.12 -4.79 -14.16
N MET A 42 2.14 -4.48 -14.96
CA MET A 42 2.04 -4.61 -16.41
C MET A 42 2.23 -6.06 -16.84
N HIS A 43 2.86 -6.85 -15.99
CA HIS A 43 3.11 -8.26 -16.30
C HIS A 43 1.90 -9.11 -15.91
N TYR A 44 0.93 -8.49 -15.25
CA TYR A 44 -0.27 -9.19 -14.82
C TYR A 44 0.06 -10.29 -13.82
N ILE A 45 0.62 -9.89 -12.69
CA ILE A 45 0.99 -10.83 -11.64
C ILE A 45 -0.24 -11.38 -10.93
N ARG A 46 -0.02 -12.20 -9.91
CA ARG A 46 -1.11 -12.79 -9.15
C ARG A 46 -0.98 -12.46 -7.67
N ILE A 47 -1.27 -11.21 -7.32
CA ILE A 47 -1.18 -10.77 -5.94
C ILE A 47 -2.24 -11.46 -5.07
N LEU A 48 -1.90 -11.69 -3.80
CA LEU A 48 -2.81 -12.34 -2.87
C LEU A 48 -2.55 -11.88 -1.45
N PRO A 49 -3.54 -12.09 -0.57
CA PRO A 49 -3.45 -11.70 0.85
C PRO A 49 -2.46 -12.57 1.62
N GLY A 50 -1.66 -11.94 2.47
CA GLY A 50 -0.69 -12.67 3.26
C GLY A 50 0.74 -12.37 2.85
N ASP A 51 0.91 -11.35 2.00
CA ASP A 51 2.23 -10.96 1.53
C ASP A 51 2.65 -9.64 2.16
N LYS A 52 3.90 -9.59 2.62
CA LYS A 52 4.44 -8.38 3.24
C LYS A 52 4.87 -7.37 2.19
N VAL A 53 4.30 -6.16 2.25
CA VAL A 53 4.63 -5.11 1.31
C VAL A 53 4.73 -3.76 2.00
N THR A 54 5.32 -2.79 1.32
CA THR A 54 5.49 -1.45 1.87
C THR A 54 4.40 -0.51 1.37
N VAL A 55 4.00 0.44 2.21
CA VAL A 55 2.96 1.39 1.86
C VAL A 55 3.33 2.80 2.35
N GLU A 56 2.82 3.81 1.65
CA GLU A 56 3.08 5.20 2.01
C GLU A 56 1.79 5.99 2.09
N LEU A 57 1.62 6.73 3.19
CA LEU A 57 0.43 7.54 3.39
C LEU A 57 0.76 9.02 3.29
N THR A 58 -0.19 9.81 2.76
CA THR A 58 0.00 11.24 2.61
C THR A 58 -0.88 12.01 3.59
N PRO A 59 -0.50 13.27 3.85
CA PRO A 59 -1.25 14.14 4.78
C PRO A 59 -2.60 14.56 4.22
N TYR A 60 -2.79 14.35 2.91
CA TYR A 60 -4.03 14.71 2.26
C TYR A 60 -5.19 13.90 2.82
N ASP A 61 -4.97 12.62 3.05
CA ASP A 61 -6.00 11.74 3.59
C ASP A 61 -5.38 10.58 4.37
N LEU A 62 -5.94 10.28 5.52
CA LEU A 62 -5.44 9.19 6.36
C LEU A 62 -6.29 7.95 6.21
N SER A 63 -7.06 7.88 5.12
CA SER A 63 -7.93 6.74 4.86
C SER A 63 -7.55 6.05 3.56
N ARG A 64 -6.30 6.23 3.15
CA ARG A 64 -5.80 5.63 1.92
C ARG A 64 -4.32 5.93 1.71
N ALA A 65 -3.55 4.92 1.32
CA ALA A 65 -2.13 5.09 1.09
C ALA A 65 -1.70 4.40 -0.20
N ARG A 66 -0.62 4.91 -0.80
CA ARG A 66 -0.10 4.34 -2.04
C ARG A 66 0.58 3.00 -1.79
N ILE A 67 0.19 1.99 -2.55
CA ILE A 67 0.77 0.65 -2.41
C ILE A 67 2.15 0.58 -3.05
N VAL A 68 3.12 0.06 -2.31
CA VAL A 68 4.48 -0.07 -2.81
C VAL A 68 4.87 -1.54 -2.95
N PHE A 69 5.94 -1.79 -3.71
CA PHE A 69 6.42 -3.15 -3.94
C PHE A 69 6.59 -3.89 -2.61
N ARG A 70 6.72 -5.20 -2.69
CA ARG A 70 6.89 -6.03 -1.50
C ARG A 70 7.99 -5.45 -0.60
N ALA A 71 7.97 -5.85 0.68
CA ALA A 71 8.96 -5.38 1.64
C ALA A 71 10.27 -6.16 1.49
N LYS A 72 11.36 -5.42 1.30
CA LYS A 72 12.68 -6.04 1.15
C LYS A 72 13.01 -6.92 2.35
N MET A 1 15.79 22.33 -1.33
CA MET A 1 14.94 22.57 -2.49
C MET A 1 13.77 21.59 -2.52
N ALA A 2 13.96 20.42 -1.91
CA ALA A 2 12.93 19.40 -1.87
C ALA A 2 12.55 19.07 -0.42
N LYS A 3 11.26 18.91 -0.18
CA LYS A 3 10.77 18.60 1.17
C LYS A 3 9.53 17.71 1.09
N ASP A 4 9.39 16.82 2.07
CA ASP A 4 8.25 15.91 2.11
C ASP A 4 8.05 15.35 3.51
N ASP A 5 6.83 14.93 3.81
CA ASP A 5 6.51 14.37 5.12
C ASP A 5 5.63 13.13 4.98
N VAL A 6 6.24 12.01 4.63
CA VAL A 6 5.51 10.75 4.46
C VAL A 6 6.30 9.58 5.04
N ILE A 7 5.59 8.57 5.52
CA ILE A 7 6.22 7.39 6.09
C ILE A 7 5.61 6.11 5.53
N GLN A 8 6.46 5.18 5.11
CA GLN A 8 6.00 3.91 4.56
C GLN A 8 5.90 2.85 5.65
N MET A 9 4.75 2.20 5.73
CA MET A 9 4.53 1.15 6.73
C MET A 9 4.46 -0.23 6.08
N GLN A 10 4.58 -1.27 6.90
CA GLN A 10 4.54 -2.64 6.39
C GLN A 10 3.22 -3.31 6.76
N GLY A 11 2.38 -3.56 5.76
CA GLY A 11 1.10 -4.21 6.01
C GLY A 11 0.86 -5.39 5.09
N GLU A 12 -0.12 -6.21 5.44
CA GLU A 12 -0.44 -7.39 4.63
C GLU A 12 -1.79 -7.21 3.94
N VAL A 13 -1.86 -7.66 2.69
CA VAL A 13 -3.08 -7.55 1.90
C VAL A 13 -4.20 -8.39 2.50
N ILE A 14 -5.39 -7.83 2.58
CA ILE A 14 -6.55 -8.53 3.14
C ILE A 14 -7.66 -8.66 2.10
N GLU A 15 -7.74 -7.69 1.20
CA GLU A 15 -8.76 -7.69 0.16
C GLU A 15 -8.22 -7.09 -1.14
N ASN A 16 -8.71 -7.59 -2.27
CA ASN A 16 -8.28 -7.10 -3.57
C ASN A 16 -9.48 -6.78 -4.46
N LEU A 17 -9.38 -5.68 -5.21
CA LEU A 17 -10.46 -5.27 -6.10
C LEU A 17 -9.90 -4.63 -7.37
N PRO A 18 -10.72 -4.60 -8.42
CA PRO A 18 -10.33 -4.01 -9.71
C PRO A 18 -10.21 -2.50 -9.65
N ASN A 19 -10.07 -1.87 -10.81
CA ASN A 19 -9.94 -0.41 -10.88
C ASN A 19 -8.66 0.05 -10.20
N ALA A 20 -7.62 -0.78 -10.26
CA ALA A 20 -6.34 -0.45 -9.65
C ALA A 20 -6.52 -0.04 -8.19
N THR A 21 -7.06 -0.96 -7.39
CA THR A 21 -7.28 -0.69 -5.97
C THR A 21 -6.99 -1.93 -5.13
N PHE A 22 -6.49 -1.70 -3.92
CA PHE A 22 -6.16 -2.80 -3.01
C PHE A 22 -6.21 -2.34 -1.56
N ARG A 23 -6.45 -3.28 -0.65
CA ARG A 23 -6.52 -2.98 0.77
C ARG A 23 -5.57 -3.86 1.58
N VAL A 24 -4.81 -3.26 2.48
CA VAL A 24 -3.86 -3.99 3.30
C VAL A 24 -3.90 -3.51 4.75
N LYS A 25 -3.79 -4.44 5.69
CA LYS A 25 -3.80 -4.11 7.11
C LYS A 25 -2.38 -4.06 7.67
N LEU A 26 -2.08 -3.00 8.42
CA LEU A 26 -0.77 -2.84 9.02
C LEU A 26 -0.64 -3.67 10.29
N GLU A 27 0.18 -3.19 11.23
CA GLU A 27 0.38 -3.89 12.49
C GLU A 27 -0.56 -3.36 13.57
N ASN A 28 -0.85 -2.06 13.49
CA ASN A 28 -1.74 -1.43 14.46
C ASN A 28 -3.13 -2.03 14.41
N GLY A 29 -3.43 -2.74 13.32
CA GLY A 29 -4.73 -3.37 13.17
C GLY A 29 -5.66 -2.55 12.31
N HIS A 30 -5.11 -1.57 11.59
CA HIS A 30 -5.90 -0.72 10.72
C HIS A 30 -5.71 -1.10 9.25
N VAL A 31 -6.80 -1.07 8.49
CA VAL A 31 -6.74 -1.41 7.07
C VAL A 31 -6.70 -0.15 6.21
N VAL A 32 -5.71 -0.11 5.31
CA VAL A 32 -5.55 1.04 4.43
C VAL A 32 -6.06 0.73 3.02
N LEU A 33 -6.73 1.69 2.42
CA LEU A 33 -7.27 1.51 1.07
C LEU A 33 -6.70 2.55 0.11
N GLY A 34 -6.35 2.10 -1.10
CA GLY A 34 -5.78 3.00 -2.09
C GLY A 34 -5.46 2.29 -3.38
N HIS A 35 -4.59 2.91 -4.19
CA HIS A 35 -4.19 2.34 -5.47
C HIS A 35 -2.70 2.02 -5.47
N ILE A 36 -2.33 0.95 -6.18
CA ILE A 36 -0.93 0.54 -6.26
C ILE A 36 -0.20 1.32 -7.35
N SER A 37 1.08 1.59 -7.11
CA SER A 37 1.90 2.33 -8.07
C SER A 37 3.35 1.85 -8.03
N GLY A 38 4.02 1.95 -9.17
CA GLY A 38 5.41 1.53 -9.25
C GLY A 38 5.69 0.70 -10.48
N LYS A 39 6.83 0.01 -10.49
CA LYS A 39 7.21 -0.82 -11.62
C LYS A 39 6.71 -2.25 -11.43
N MET A 40 6.53 -2.66 -10.19
CA MET A 40 6.05 -3.99 -9.88
C MET A 40 4.75 -4.29 -10.62
N ARG A 41 4.04 -3.24 -11.01
CA ARG A 41 2.78 -3.39 -11.72
C ARG A 41 3.02 -3.50 -13.23
N MET A 42 4.13 -2.95 -13.69
CA MET A 42 4.48 -2.98 -15.10
C MET A 42 5.08 -4.33 -15.48
N HIS A 43 5.74 -4.97 -14.53
CA HIS A 43 6.36 -6.27 -14.76
C HIS A 43 5.34 -7.40 -14.55
N TYR A 44 4.19 -7.05 -14.01
CA TYR A 44 3.14 -8.03 -13.75
C TYR A 44 3.61 -9.08 -12.73
N ILE A 45 3.82 -8.65 -11.49
CA ILE A 45 4.26 -9.55 -10.44
C ILE A 45 3.09 -10.31 -9.84
N ARG A 46 3.40 -11.40 -9.14
CA ARG A 46 2.37 -12.22 -8.51
C ARG A 46 1.76 -11.51 -7.31
N ILE A 47 0.45 -11.29 -7.37
CA ILE A 47 -0.25 -10.61 -6.28
C ILE A 47 -1.35 -11.50 -5.70
N LEU A 48 -1.53 -11.42 -4.39
CA LEU A 48 -2.55 -12.22 -3.71
C LEU A 48 -2.75 -11.74 -2.28
N PRO A 49 -3.91 -12.08 -1.70
CA PRO A 49 -4.25 -11.70 -0.33
C PRO A 49 -3.40 -12.43 0.71
N GLY A 50 -2.78 -11.68 1.61
CA GLY A 50 -1.96 -12.28 2.64
C GLY A 50 -0.48 -12.04 2.41
N ASP A 51 -0.17 -11.16 1.47
CA ASP A 51 1.22 -10.83 1.14
C ASP A 51 1.64 -9.53 1.80
N LYS A 52 2.87 -9.48 2.28
CA LYS A 52 3.40 -8.29 2.93
C LYS A 52 3.85 -7.25 1.91
N VAL A 53 3.29 -6.05 2.00
CA VAL A 53 3.64 -4.97 1.07
C VAL A 53 3.75 -3.64 1.80
N THR A 54 4.44 -2.69 1.17
CA THR A 54 4.63 -1.37 1.76
C THR A 54 3.48 -0.42 1.38
N VAL A 55 3.13 0.47 2.30
CA VAL A 55 2.06 1.43 2.06
C VAL A 55 2.38 2.78 2.69
N GLU A 56 2.14 3.85 1.94
CA GLU A 56 2.40 5.20 2.43
C GLU A 56 1.11 5.87 2.88
N LEU A 57 1.12 6.42 4.09
CA LEU A 57 -0.05 7.09 4.64
C LEU A 57 0.19 8.60 4.72
N THR A 58 -0.82 9.38 4.32
CA THR A 58 -0.72 10.83 4.35
C THR A 58 -1.50 11.40 5.53
N PRO A 59 -1.15 12.64 5.93
CA PRO A 59 -1.81 13.33 7.04
C PRO A 59 -3.25 13.72 6.72
N TYR A 60 -3.56 13.78 5.43
CA TYR A 60 -4.90 14.15 4.99
C TYR A 60 -5.95 13.23 5.60
N ASP A 61 -5.65 11.93 5.62
CA ASP A 61 -6.57 10.95 6.18
C ASP A 61 -5.83 9.65 6.52
N LEU A 62 -6.35 8.91 7.48
CA LEU A 62 -5.74 7.66 7.90
C LEU A 62 -6.47 6.47 7.28
N SER A 63 -7.66 6.72 6.75
CA SER A 63 -8.46 5.67 6.13
C SER A 63 -8.23 5.63 4.61
N ARG A 64 -6.98 5.85 4.21
CA ARG A 64 -6.62 5.85 2.80
C ARG A 64 -5.12 6.05 2.61
N ALA A 65 -4.45 5.03 2.09
CA ALA A 65 -3.01 5.10 1.86
C ALA A 65 -2.65 4.54 0.49
N ARG A 66 -1.53 5.00 -0.05
CA ARG A 66 -1.07 4.55 -1.36
C ARG A 66 -0.38 3.18 -1.26
N ILE A 67 -0.82 2.25 -2.09
CA ILE A 67 -0.25 0.90 -2.09
C ILE A 67 1.11 0.88 -2.78
N VAL A 68 2.05 0.15 -2.21
CA VAL A 68 3.39 0.05 -2.77
C VAL A 68 3.78 -1.41 -2.99
N PHE A 69 4.80 -1.63 -3.81
CA PHE A 69 5.27 -2.98 -4.11
C PHE A 69 5.50 -3.76 -2.82
N ARG A 70 5.62 -5.08 -2.96
CA ARG A 70 5.82 -5.95 -1.80
C ARG A 70 7.00 -5.47 -0.96
N ALA A 71 6.97 -5.78 0.32
CA ALA A 71 8.05 -5.37 1.23
C ALA A 71 9.29 -6.22 1.02
N LYS A 72 10.44 -5.56 0.89
CA LYS A 72 11.70 -6.25 0.68
C LYS A 72 12.40 -6.54 2.01
N MET A 1 9.61 26.26 0.53
CA MET A 1 8.40 26.14 -0.28
C MET A 1 7.87 24.71 -0.26
N ALA A 2 8.76 23.76 -0.05
CA ALA A 2 8.39 22.35 0.00
C ALA A 2 8.77 21.72 1.33
N LYS A 3 8.06 20.66 1.71
CA LYS A 3 8.33 19.96 2.96
C LYS A 3 8.49 18.46 2.72
N ASP A 4 8.86 17.74 3.78
CA ASP A 4 9.05 16.30 3.69
C ASP A 4 8.36 15.59 4.84
N ASP A 5 7.12 15.17 4.62
CA ASP A 5 6.35 14.48 5.64
C ASP A 5 5.80 13.15 5.11
N VAL A 6 6.68 12.19 4.91
CA VAL A 6 6.28 10.88 4.39
C VAL A 6 6.85 9.76 5.25
N ILE A 7 6.11 8.65 5.33
CA ILE A 7 6.55 7.51 6.11
C ILE A 7 6.02 6.20 5.52
N GLN A 8 6.93 5.25 5.31
CA GLN A 8 6.56 3.96 4.74
C GLN A 8 6.24 2.96 5.85
N MET A 9 5.06 2.35 5.76
CA MET A 9 4.63 1.36 6.75
C MET A 9 4.62 -0.04 6.15
N GLN A 10 4.73 -1.04 7.03
CA GLN A 10 4.73 -2.44 6.59
C GLN A 10 3.39 -3.11 6.89
N GLY A 11 2.64 -3.42 5.84
CA GLY A 11 1.35 -4.06 6.01
C GLY A 11 1.20 -5.29 5.14
N GLU A 12 0.04 -5.94 5.24
CA GLU A 12 -0.22 -7.14 4.46
C GLU A 12 -1.61 -7.07 3.81
N VAL A 13 -1.68 -7.53 2.56
CA VAL A 13 -2.95 -7.52 1.83
C VAL A 13 -4.00 -8.36 2.53
N ILE A 14 -5.20 -7.79 2.68
CA ILE A 14 -6.29 -8.50 3.34
C ILE A 14 -7.45 -8.73 2.38
N GLU A 15 -7.61 -7.81 1.42
CA GLU A 15 -8.68 -7.92 0.43
C GLU A 15 -8.30 -7.20 -0.86
N ASN A 16 -8.95 -7.58 -1.96
CA ASN A 16 -8.68 -6.98 -3.25
C ASN A 16 -9.95 -6.39 -3.86
N LEU A 17 -9.96 -5.08 -4.06
CA LEU A 17 -11.12 -4.39 -4.62
C LEU A 17 -10.83 -3.92 -6.04
N PRO A 18 -11.89 -3.67 -6.82
CA PRO A 18 -11.78 -3.20 -8.20
C PRO A 18 -11.26 -1.77 -8.28
N ASN A 19 -11.35 -1.19 -9.48
CA ASN A 19 -10.89 0.18 -9.69
C ASN A 19 -9.38 0.29 -9.49
N ALA A 20 -8.68 -0.83 -9.69
CA ALA A 20 -7.24 -0.86 -9.53
C ALA A 20 -6.82 -0.36 -8.14
N THR A 21 -7.29 -1.04 -7.10
CA THR A 21 -6.97 -0.68 -5.74
C THR A 21 -6.97 -1.89 -4.82
N PHE A 22 -6.00 -1.94 -3.90
CA PHE A 22 -5.88 -3.04 -2.97
C PHE A 22 -5.88 -2.54 -1.53
N ARG A 23 -6.28 -3.41 -0.60
CA ARG A 23 -6.32 -3.06 0.82
C ARG A 23 -5.35 -3.90 1.62
N VAL A 24 -4.58 -3.26 2.48
CA VAL A 24 -3.61 -3.95 3.32
C VAL A 24 -3.66 -3.47 4.76
N LYS A 25 -3.54 -4.39 5.70
CA LYS A 25 -3.58 -4.06 7.12
C LYS A 25 -2.16 -3.85 7.66
N LEU A 26 -1.94 -2.70 8.28
CA LEU A 26 -0.63 -2.37 8.84
C LEU A 26 -0.45 -3.03 10.20
N GLU A 27 0.33 -2.39 11.06
CA GLU A 27 0.59 -2.91 12.40
C GLU A 27 -0.56 -2.57 13.35
N ASN A 28 -1.10 -1.36 13.21
CA ASN A 28 -2.19 -0.91 14.05
C ASN A 28 -3.44 -1.78 13.85
N GLY A 29 -3.45 -2.54 12.75
CA GLY A 29 -4.58 -3.40 12.46
C GLY A 29 -5.50 -2.82 11.41
N HIS A 30 -5.46 -1.50 11.26
CA HIS A 30 -6.30 -0.81 10.29
C HIS A 30 -5.85 -1.13 8.86
N VAL A 31 -6.80 -1.18 7.94
CA VAL A 31 -6.49 -1.46 6.54
C VAL A 31 -6.46 -0.18 5.71
N VAL A 32 -5.44 -0.06 4.86
CA VAL A 32 -5.30 1.11 4.02
C VAL A 32 -5.54 0.77 2.56
N LEU A 33 -6.23 1.66 1.85
CA LEU A 33 -6.53 1.45 0.44
C LEU A 33 -5.63 2.29 -0.45
N GLY A 34 -5.09 1.69 -1.51
CA GLY A 34 -4.23 2.40 -2.42
C GLY A 34 -4.08 1.70 -3.76
N HIS A 35 -3.18 2.21 -4.59
CA HIS A 35 -2.95 1.63 -5.91
C HIS A 35 -1.48 1.29 -6.10
N ILE A 36 -1.22 0.22 -6.84
CA ILE A 36 0.15 -0.23 -7.10
C ILE A 36 0.74 0.51 -8.29
N SER A 37 2.00 0.93 -8.16
CA SER A 37 2.68 1.65 -9.23
C SER A 37 4.13 1.19 -9.34
N GLY A 38 4.69 1.32 -10.55
CA GLY A 38 6.07 0.92 -10.77
C GLY A 38 6.24 0.17 -12.08
N LYS A 39 7.47 -0.23 -12.38
CA LYS A 39 7.77 -0.95 -13.61
C LYS A 39 7.68 -2.45 -13.39
N MET A 40 7.78 -2.87 -12.14
CA MET A 40 7.70 -4.29 -11.79
C MET A 40 6.24 -4.74 -11.67
N ARG A 41 5.35 -3.78 -11.48
CA ARG A 41 3.92 -4.08 -11.34
C ARG A 41 3.28 -4.32 -12.70
N MET A 42 3.97 -3.90 -13.76
CA MET A 42 3.47 -4.07 -15.12
C MET A 42 3.73 -5.48 -15.61
N HIS A 43 4.37 -6.29 -14.79
CA HIS A 43 4.68 -7.67 -15.14
C HIS A 43 3.50 -8.59 -14.83
N TYR A 44 2.40 -8.00 -14.38
CA TYR A 44 1.21 -8.76 -14.05
C TYR A 44 1.54 -9.92 -13.10
N ILE A 45 2.15 -9.58 -11.97
CA ILE A 45 2.52 -10.59 -10.98
C ILE A 45 1.28 -11.17 -10.30
N ARG A 46 1.51 -12.13 -9.41
CA ARG A 46 0.41 -12.78 -8.69
C ARG A 46 0.16 -12.09 -7.35
N ILE A 47 -1.08 -11.64 -7.14
CA ILE A 47 -1.44 -10.97 -5.91
C ILE A 47 -2.54 -11.72 -5.16
N LEU A 48 -2.29 -12.03 -3.90
CA LEU A 48 -3.25 -12.75 -3.08
C LEU A 48 -3.31 -12.19 -1.66
N PRO A 49 -4.41 -12.46 -0.95
CA PRO A 49 -4.60 -11.99 0.42
C PRO A 49 -3.68 -12.69 1.41
N GLY A 50 -2.79 -11.93 2.03
CA GLY A 50 -1.86 -12.49 3.00
C GLY A 50 -0.42 -12.23 2.63
N ASP A 51 -0.20 -11.37 1.63
CA ASP A 51 1.15 -11.03 1.19
C ASP A 51 1.64 -9.75 1.86
N LYS A 52 2.89 -9.79 2.33
CA LYS A 52 3.48 -8.63 3.00
C LYS A 52 3.92 -7.59 1.97
N VAL A 53 3.36 -6.38 2.09
CA VAL A 53 3.70 -5.29 1.18
C VAL A 53 3.83 -3.97 1.93
N THR A 54 4.64 -3.06 1.40
CA THR A 54 4.84 -1.76 2.01
C THR A 54 3.87 -0.72 1.46
N VAL A 55 3.44 0.20 2.32
CA VAL A 55 2.50 1.23 1.92
C VAL A 55 2.89 2.59 2.52
N GLU A 56 2.82 3.63 1.71
CA GLU A 56 3.15 4.98 2.16
C GLU A 56 1.90 5.78 2.49
N LEU A 57 1.81 6.24 3.73
CA LEU A 57 0.65 7.02 4.17
C LEU A 57 1.09 8.36 4.76
N THR A 58 0.19 9.32 4.76
CA THR A 58 0.47 10.65 5.30
C THR A 58 -0.41 10.97 6.50
N PRO A 59 0.03 11.93 7.31
CA PRO A 59 -0.71 12.35 8.51
C PRO A 59 -1.99 13.10 8.16
N TYR A 60 -1.96 13.83 7.06
CA TYR A 60 -3.12 14.60 6.62
C TYR A 60 -4.33 13.69 6.44
N ASP A 61 -4.10 12.54 5.83
CA ASP A 61 -5.18 11.57 5.60
C ASP A 61 -4.70 10.15 5.85
N LEU A 62 -5.37 9.47 6.77
CA LEU A 62 -5.01 8.09 7.10
C LEU A 62 -6.00 7.11 6.51
N SER A 63 -6.75 7.56 5.51
CA SER A 63 -7.74 6.72 4.85
C SER A 63 -7.43 6.55 3.37
N ARG A 64 -6.15 6.71 3.02
CA ARG A 64 -5.71 6.59 1.64
C ARG A 64 -4.19 6.66 1.54
N ALA A 65 -3.59 5.57 1.07
CA ALA A 65 -2.14 5.51 0.93
C ALA A 65 -1.75 4.93 -0.42
N ARG A 66 -0.45 4.92 -0.71
CA ARG A 66 0.06 4.38 -1.96
C ARG A 66 0.64 2.99 -1.77
N ILE A 67 0.27 2.07 -2.65
CA ILE A 67 0.76 0.69 -2.57
C ILE A 67 2.20 0.59 -3.06
N VAL A 68 3.01 -0.17 -2.34
CA VAL A 68 4.41 -0.35 -2.71
C VAL A 68 4.75 -1.84 -2.84
N PHE A 69 5.86 -2.12 -3.50
CA PHE A 69 6.31 -3.50 -3.71
C PHE A 69 6.33 -4.25 -2.38
N ARG A 70 6.43 -5.57 -2.47
CA ARG A 70 6.46 -6.42 -1.28
C ARG A 70 7.45 -5.87 -0.24
N ALA A 71 7.11 -6.04 1.03
CA ALA A 71 7.95 -5.56 2.11
C ALA A 71 9.43 -5.77 1.79
N LYS A 72 10.25 -4.77 2.10
CA LYS A 72 11.68 -4.85 1.84
C LYS A 72 12.38 -5.71 2.89
N MET A 1 12.39 20.50 -5.23
CA MET A 1 12.38 21.76 -4.52
C MET A 1 11.21 21.85 -3.55
N ALA A 2 11.10 20.85 -2.68
CA ALA A 2 10.02 20.80 -1.70
C ALA A 2 10.29 19.74 -0.64
N LYS A 3 9.60 19.85 0.50
CA LYS A 3 9.76 18.91 1.59
C LYS A 3 8.41 18.55 2.20
N ASP A 4 8.36 17.41 2.90
CA ASP A 4 7.13 16.96 3.54
C ASP A 4 7.44 16.08 4.74
N ASP A 5 6.39 15.55 5.36
CA ASP A 5 6.55 14.70 6.54
C ASP A 5 5.78 13.39 6.36
N VAL A 6 6.15 12.62 5.36
CA VAL A 6 5.49 11.35 5.08
C VAL A 6 6.17 10.21 5.85
N ILE A 7 5.38 9.19 6.19
CA ILE A 7 5.89 8.04 6.91
C ILE A 7 5.43 6.74 6.28
N GLN A 8 6.36 5.79 6.13
CA GLN A 8 6.05 4.50 5.54
C GLN A 8 5.74 3.47 6.61
N MET A 9 4.63 2.74 6.43
CA MET A 9 4.23 1.72 7.39
C MET A 9 4.41 0.32 6.79
N GLN A 10 4.61 -0.66 7.67
CA GLN A 10 4.79 -2.04 7.23
C GLN A 10 3.57 -2.88 7.58
N GLY A 11 2.83 -3.29 6.57
CA GLY A 11 1.64 -4.10 6.79
C GLY A 11 1.54 -5.27 5.82
N GLU A 12 0.48 -6.06 5.95
CA GLU A 12 0.27 -7.21 5.08
C GLU A 12 -1.05 -7.07 4.32
N VAL A 13 -1.03 -7.46 3.04
CA VAL A 13 -2.22 -7.39 2.20
C VAL A 13 -3.32 -8.30 2.75
N ILE A 14 -4.52 -7.75 2.88
CA ILE A 14 -5.66 -8.50 3.39
C ILE A 14 -6.76 -8.60 2.34
N GLU A 15 -6.83 -7.60 1.46
CA GLU A 15 -7.83 -7.58 0.41
C GLU A 15 -7.20 -7.21 -0.93
N ASN A 16 -7.75 -7.79 -2.01
CA ASN A 16 -7.24 -7.52 -3.34
C ASN A 16 -8.39 -7.19 -4.30
N LEU A 17 -8.25 -6.07 -5.01
CA LEU A 17 -9.27 -5.63 -5.96
C LEU A 17 -8.63 -5.13 -7.25
N PRO A 18 -9.42 -5.11 -8.33
CA PRO A 18 -8.95 -4.66 -9.64
C PRO A 18 -8.73 -3.15 -9.67
N ASN A 19 -8.50 -2.62 -10.88
CA ASN A 19 -8.26 -1.19 -11.04
C ASN A 19 -6.98 -0.77 -10.34
N ALA A 20 -6.01 -1.68 -10.28
CA ALA A 20 -4.73 -1.39 -9.64
C ALA A 20 -4.93 -0.84 -8.23
N THR A 21 -5.58 -1.63 -7.37
CA THR A 21 -5.85 -1.21 -6.01
C THR A 21 -5.69 -2.38 -5.03
N PHE A 22 -5.28 -2.08 -3.81
CA PHE A 22 -5.09 -3.10 -2.79
C PHE A 22 -5.24 -2.52 -1.39
N ARG A 23 -5.62 -3.35 -0.44
CA ARG A 23 -5.81 -2.92 0.94
C ARG A 23 -4.90 -3.71 1.88
N VAL A 24 -3.96 -2.99 2.51
CA VAL A 24 -3.02 -3.63 3.44
C VAL A 24 -3.40 -3.32 4.88
N LYS A 25 -3.29 -4.33 5.74
CA LYS A 25 -3.61 -4.19 7.15
C LYS A 25 -2.35 -4.00 7.98
N LEU A 26 -2.39 -3.03 8.90
CA LEU A 26 -1.25 -2.75 9.76
C LEU A 26 -1.19 -3.73 10.92
N GLU A 27 -0.66 -3.27 12.05
CA GLU A 27 -0.54 -4.11 13.24
C GLU A 27 -1.76 -3.94 14.15
N ASN A 28 -2.24 -2.71 14.26
CA ASN A 28 -3.40 -2.41 15.10
C ASN A 28 -4.66 -3.07 14.54
N GLY A 29 -4.58 -3.55 13.30
CA GLY A 29 -5.71 -4.19 12.67
C GLY A 29 -6.31 -3.36 11.55
N HIS A 30 -6.11 -2.05 11.61
CA HIS A 30 -6.63 -1.15 10.59
C HIS A 30 -6.11 -1.54 9.21
N VAL A 31 -6.80 -1.07 8.17
CA VAL A 31 -6.42 -1.38 6.80
C VAL A 31 -6.49 -0.13 5.93
N VAL A 32 -5.43 0.10 5.16
CA VAL A 32 -5.36 1.26 4.27
C VAL A 32 -5.50 0.85 2.82
N LEU A 33 -6.24 1.65 2.05
CA LEU A 33 -6.46 1.37 0.63
C LEU A 33 -5.62 2.30 -0.24
N GLY A 34 -4.99 1.72 -1.26
CA GLY A 34 -4.15 2.50 -2.16
C GLY A 34 -3.92 1.82 -3.48
N HIS A 35 -3.06 2.40 -4.31
CA HIS A 35 -2.74 1.83 -5.61
C HIS A 35 -1.24 1.64 -5.78
N ILE A 36 -0.85 0.59 -6.50
CA ILE A 36 0.56 0.29 -6.72
C ILE A 36 1.00 0.77 -8.09
N SER A 37 2.24 1.24 -8.18
CA SER A 37 2.79 1.73 -9.44
C SER A 37 4.21 1.20 -9.66
N GLY A 38 4.61 1.11 -10.92
CA GLY A 38 5.93 0.63 -11.24
C GLY A 38 6.02 0.01 -12.63
N LYS A 39 7.19 -0.47 -13.00
CA LYS A 39 7.40 -1.08 -14.30
C LYS A 39 7.15 -2.59 -14.26
N MET A 40 7.21 -3.15 -13.05
CA MET A 40 6.99 -4.58 -12.86
C MET A 40 5.49 -4.89 -12.77
N ARG A 41 4.70 -3.86 -12.46
CA ARG A 41 3.26 -4.02 -12.34
C ARG A 41 2.59 -4.05 -13.71
N MET A 42 3.35 -3.66 -14.73
CA MET A 42 2.83 -3.64 -16.10
C MET A 42 2.83 -5.03 -16.70
N HIS A 43 3.53 -5.96 -16.05
CA HIS A 43 3.61 -7.33 -16.54
C HIS A 43 2.53 -8.20 -15.89
N TYR A 44 1.52 -7.55 -15.33
CA TYR A 44 0.42 -8.27 -14.69
C TYR A 44 0.95 -9.27 -13.66
N ILE A 45 1.78 -8.78 -12.75
CA ILE A 45 2.35 -9.62 -11.71
C ILE A 45 1.27 -10.29 -10.88
N ARG A 46 1.61 -11.39 -10.23
CA ARG A 46 0.67 -12.12 -9.39
C ARG A 46 0.66 -11.58 -7.97
N ILE A 47 -0.51 -11.19 -7.50
CA ILE A 47 -0.65 -10.65 -6.15
C ILE A 47 -1.75 -11.37 -5.38
N LEU A 48 -1.54 -11.53 -4.07
CA LEU A 48 -2.52 -12.20 -3.22
C LEU A 48 -2.39 -11.73 -1.77
N PRO A 49 -3.46 -11.95 -0.98
CA PRO A 49 -3.49 -11.57 0.43
C PRO A 49 -2.55 -12.42 1.28
N GLY A 50 -1.83 -11.78 2.20
CA GLY A 50 -0.90 -12.50 3.05
C GLY A 50 0.54 -12.14 2.78
N ASP A 51 0.75 -11.11 1.98
CA ASP A 51 2.09 -10.66 1.64
C ASP A 51 2.44 -9.36 2.34
N LYS A 52 3.65 -9.28 2.90
CA LYS A 52 4.09 -8.09 3.60
C LYS A 52 4.55 -7.01 2.62
N VAL A 53 3.93 -5.85 2.72
CA VAL A 53 4.26 -4.73 1.84
C VAL A 53 4.26 -3.41 2.60
N THR A 54 4.91 -2.41 2.03
CA THR A 54 5.00 -1.09 2.66
C THR A 54 3.99 -0.12 2.05
N VAL A 55 3.46 0.78 2.87
CA VAL A 55 2.48 1.75 2.41
C VAL A 55 2.73 3.12 3.03
N GLU A 56 2.66 4.17 2.22
CA GLU A 56 2.88 5.52 2.69
C GLU A 56 1.56 6.25 2.92
N LEU A 57 1.34 6.72 4.14
CA LEU A 57 0.11 7.43 4.49
C LEU A 57 0.40 8.90 4.76
N THR A 58 -0.63 9.73 4.59
CA THR A 58 -0.49 11.16 4.81
C THR A 58 -1.23 11.60 6.07
N PRO A 59 -0.85 12.76 6.61
CA PRO A 59 -1.47 13.31 7.82
C PRO A 59 -2.89 13.79 7.59
N TYR A 60 -3.09 14.51 6.49
CA TYR A 60 -4.41 15.03 6.14
C TYR A 60 -5.35 13.90 5.75
N ASP A 61 -4.84 12.96 4.95
CA ASP A 61 -5.64 11.83 4.51
C ASP A 61 -5.14 10.53 5.13
N LEU A 62 -6.01 9.89 5.92
CA LEU A 62 -5.65 8.64 6.58
C LEU A 62 -6.44 7.47 6.00
N SER A 63 -7.48 7.78 5.25
CA SER A 63 -8.32 6.77 4.63
C SER A 63 -7.89 6.50 3.19
N ARG A 64 -6.61 6.77 2.91
CA ARG A 64 -6.07 6.56 1.57
C ARG A 64 -4.56 6.76 1.56
N ALA A 65 -3.83 5.71 1.18
CA ALA A 65 -2.38 5.76 1.13
C ALA A 65 -1.86 5.23 -0.19
N ARG A 66 -0.54 5.32 -0.39
CA ARG A 66 0.08 4.85 -1.62
C ARG A 66 0.72 3.48 -1.41
N ILE A 67 0.47 2.55 -2.33
CA ILE A 67 1.02 1.21 -2.25
C ILE A 67 2.49 1.20 -2.64
N VAL A 68 3.33 0.58 -1.81
CA VAL A 68 4.75 0.49 -2.08
C VAL A 68 5.20 -0.95 -2.21
N PHE A 69 6.38 -1.14 -2.81
CA PHE A 69 6.92 -2.48 -2.99
C PHE A 69 6.88 -3.28 -1.69
N ARG A 70 7.06 -4.59 -1.80
CA ARG A 70 7.05 -5.47 -0.63
C ARG A 70 7.96 -4.92 0.46
N ALA A 71 7.67 -5.29 1.71
CA ALA A 71 8.47 -4.84 2.85
C ALA A 71 9.57 -5.84 3.16
N LYS A 72 10.36 -5.55 4.19
CA LYS A 72 11.44 -6.41 4.60
C LYS A 72 10.96 -7.85 4.80
#